data_2ZOP
#
_entry.id   2ZOP
#
_cell.length_a   102.122
_cell.length_b   114.801
_cell.length_c   122.845
_cell.angle_alpha   90.00
_cell.angle_beta   90.00
_cell.angle_gamma   90.00
#
_symmetry.space_group_name_H-M   'I 2 2 2'
#
loop_
_entity.id
_entity.type
_entity.pdbx_description
1 polymer 'Putative uncharacterized protein TTHB164'
2 non-polymer 'SULFATE ION'
3 water water
#
_entity_poly.entity_id   1
_entity_poly.type   'polypeptide(L)'
_entity_poly.pdbx_seq_one_letter_code
;(MSE)RTRSQVWAQKAYEKVREAAKGEGRGEYRD(MSE)ALKLPVLVRQAGLSQALAFVDSRGKEAHKALGNDLAQVLGY
RDLRELAEAAREAELLQYLRLTREVLAAAEWFKRFAQALIEE
;
_entity_poly.pdbx_strand_id   A,B,C,D,E,F
#
loop_
_chem_comp.id
_chem_comp.type
_chem_comp.name
_chem_comp.formula
SO4 non-polymer 'SULFATE ION' 'O4 S -2'
#
# COMPACT_ATOMS: atom_id res chain seq x y z
N MSE A 1 4.35 -12.69 -53.81
CA MSE A 1 4.70 -11.32 -53.34
C MSE A 1 5.45 -11.36 -52.01
O MSE A 1 5.33 -12.31 -51.23
CB MSE A 1 3.44 -10.47 -53.19
CG MSE A 1 2.48 -10.98 -52.11
SE MSE A 1 1.01 -9.76 -51.83
CE MSE A 1 -0.25 -10.54 -53.08
N ARG A 2 6.23 -10.32 -51.75
CA ARG A 2 7.01 -10.22 -50.52
C ARG A 2 6.13 -10.25 -49.28
N THR A 3 6.63 -10.87 -48.22
CA THR A 3 5.87 -10.91 -46.97
C THR A 3 5.97 -9.53 -46.33
N ARG A 4 5.06 -9.25 -45.40
CA ARG A 4 5.03 -7.97 -44.73
C ARG A 4 6.39 -7.55 -44.16
N SER A 5 7.02 -8.44 -43.41
CA SER A 5 8.32 -8.16 -42.80
C SER A 5 9.42 -8.01 -43.85
N GLN A 6 9.24 -8.68 -44.98
CA GLN A 6 10.22 -8.61 -46.05
C GLN A 6 10.18 -7.21 -46.67
N VAL A 7 8.99 -6.65 -46.77
CA VAL A 7 8.83 -5.31 -47.32
C VAL A 7 9.55 -4.31 -46.40
N TRP A 8 9.32 -4.43 -45.10
CA TRP A 8 9.97 -3.54 -44.13
C TRP A 8 11.48 -3.68 -44.21
N ALA A 9 11.95 -4.92 -44.30
CA ALA A 9 13.38 -5.21 -44.37
C ALA A 9 14.01 -4.48 -45.56
N GLN A 10 13.37 -4.57 -46.72
CA GLN A 10 13.90 -3.92 -47.91
C GLN A 10 13.77 -2.39 -47.89
N LYS A 11 12.69 -1.86 -47.33
CA LYS A 11 12.53 -0.41 -47.24
C LYS A 11 13.56 0.15 -46.26
N ALA A 12 13.79 -0.59 -45.19
CA ALA A 12 14.77 -0.19 -44.18
C ALA A 12 16.14 -0.17 -44.85
N TYR A 13 16.36 -1.17 -45.67
CA TYR A 13 17.60 -1.30 -46.42
C TYR A 13 17.81 -0.04 -47.24
N GLU A 14 16.77 0.41 -47.92
CA GLU A 14 16.89 1.62 -48.74
C GLU A 14 17.15 2.86 -47.89
N LYS A 15 16.45 2.97 -46.76
CA LYS A 15 16.65 4.12 -45.88
C LYS A 15 18.09 4.18 -45.38
N VAL A 16 18.66 3.02 -45.04
CA VAL A 16 20.03 2.98 -44.54
C VAL A 16 21.06 3.29 -45.63
N ARG A 17 20.84 2.77 -46.83
CA ARG A 17 21.76 3.02 -47.93
C ARG A 17 21.80 4.52 -48.21
N GLU A 18 20.65 5.18 -48.02
CA GLU A 18 20.58 6.62 -48.24
C GLU A 18 21.29 7.40 -47.12
N ALA A 19 21.09 6.99 -45.87
CA ALA A 19 21.76 7.66 -44.74
C ALA A 19 23.29 7.51 -44.86
N ALA A 20 23.73 6.40 -45.45
CA ALA A 20 25.15 6.15 -45.61
C ALA A 20 25.84 7.20 -46.49
N LYS A 21 25.04 7.91 -47.27
CA LYS A 21 25.54 8.95 -48.19
C LYS A 21 25.54 10.35 -47.60
N GLY A 22 24.85 10.53 -46.48
CA GLY A 22 24.78 11.85 -45.88
C GLY A 22 25.72 12.08 -44.73
N GLU A 23 25.64 13.27 -44.16
CA GLU A 23 26.48 13.63 -43.02
C GLU A 23 25.80 13.11 -41.77
N GLY A 24 26.59 12.71 -40.78
CA GLY A 24 26.04 12.19 -39.55
C GLY A 24 25.61 10.73 -39.66
N ARG A 25 26.09 10.00 -40.67
CA ARG A 25 25.70 8.60 -40.82
C ARG A 25 26.12 7.81 -39.59
N GLY A 26 27.15 8.28 -38.89
CA GLY A 26 27.60 7.61 -37.68
C GLY A 26 26.59 7.78 -36.55
N GLU A 27 25.94 8.92 -36.51
CA GLU A 27 24.95 9.19 -35.47
C GLU A 27 23.67 8.42 -35.80
N TYR A 28 23.42 8.29 -37.10
CA TYR A 28 22.25 7.56 -37.60
C TYR A 28 22.36 6.09 -37.18
N ARG A 29 23.55 5.54 -37.34
CA ARG A 29 23.82 4.15 -36.97
C ARG A 29 23.71 3.98 -35.45
N ASP A 30 24.24 4.94 -34.70
CA ASP A 30 24.17 4.86 -33.24
C ASP A 30 22.72 4.72 -32.80
N MSE A 31 21.85 5.56 -33.37
CA MSE A 31 20.44 5.50 -33.03
C MSE A 31 19.77 4.21 -33.49
O MSE A 31 18.91 3.68 -32.79
CB MSE A 31 19.70 6.72 -33.61
CG MSE A 31 19.51 7.81 -32.57
SE MSE A 31 18.00 7.54 -31.36
CE MSE A 31 18.22 5.74 -30.77
N ALA A 32 20.16 3.73 -34.67
CA ALA A 32 19.61 2.50 -35.22
C ALA A 32 19.96 1.33 -34.29
N LEU A 33 21.18 1.31 -33.77
CA LEU A 33 21.61 0.22 -32.89
C LEU A 33 21.00 0.29 -31.50
N LYS A 34 20.66 1.48 -31.05
CA LYS A 34 20.08 1.69 -29.74
C LYS A 34 18.56 1.50 -29.66
N LEU A 35 17.85 1.84 -30.74
CA LEU A 35 16.40 1.76 -30.72
C LEU A 35 15.76 0.43 -30.29
N PRO A 36 16.20 -0.70 -30.87
CA PRO A 36 15.56 -1.95 -30.44
C PRO A 36 15.63 -2.12 -28.92
N VAL A 37 16.79 -1.78 -28.36
CA VAL A 37 17.01 -1.89 -26.93
C VAL A 37 16.03 -1.01 -26.15
N LEU A 38 15.85 0.23 -26.58
CA LEU A 38 14.91 1.12 -25.89
C LEU A 38 13.48 0.61 -25.97
N VAL A 39 13.07 0.10 -27.12
CA VAL A 39 11.71 -0.40 -27.25
C VAL A 39 11.49 -1.54 -26.27
N ARG A 40 12.44 -2.47 -26.20
CA ARG A 40 12.32 -3.62 -25.30
C ARG A 40 12.36 -3.26 -23.82
N GLN A 41 13.31 -2.42 -23.43
CA GLN A 41 13.46 -2.06 -22.03
C GLN A 41 12.60 -0.90 -21.52
N ALA A 42 12.37 0.11 -22.36
CA ALA A 42 11.60 1.27 -21.94
C ALA A 42 10.16 1.27 -22.44
N GLY A 43 9.89 0.46 -23.47
CA GLY A 43 8.54 0.41 -24.00
C GLY A 43 8.46 1.28 -25.25
N LEU A 44 7.49 0.99 -26.12
CA LEU A 44 7.33 1.72 -27.36
C LEU A 44 7.19 3.22 -27.22
N SER A 45 6.17 3.64 -26.47
CA SER A 45 5.92 5.05 -26.25
C SER A 45 7.17 5.79 -25.77
N GLN A 46 7.85 5.24 -24.78
CA GLN A 46 9.06 5.87 -24.25
C GLN A 46 10.19 5.89 -25.26
N ALA A 47 10.34 4.81 -26.01
CA ALA A 47 11.40 4.76 -27.01
C ALA A 47 11.17 5.85 -28.06
N LEU A 48 9.93 5.98 -28.53
CA LEU A 48 9.60 6.98 -29.54
C LEU A 48 9.79 8.41 -29.06
N ALA A 49 9.46 8.64 -27.79
CA ALA A 49 9.59 9.98 -27.22
C ALA A 49 11.07 10.37 -27.09
N PHE A 50 11.93 9.38 -26.85
CA PHE A 50 13.35 9.61 -26.73
C PHE A 50 13.87 10.05 -28.11
N VAL A 51 13.49 9.31 -29.16
CA VAL A 51 13.92 9.66 -30.50
C VAL A 51 13.45 11.06 -30.90
N ASP A 52 12.17 11.35 -30.65
CA ASP A 52 11.62 12.66 -31.01
C ASP A 52 12.24 13.83 -30.27
N SER A 53 12.82 13.58 -29.11
CA SER A 53 13.41 14.67 -28.35
C SER A 53 14.89 14.82 -28.60
N ARG A 54 15.43 14.06 -29.55
CA ARG A 54 16.85 14.19 -29.85
C ARG A 54 17.08 15.50 -30.59
N GLY A 55 18.24 16.12 -30.34
CA GLY A 55 18.55 17.38 -30.99
C GLY A 55 19.34 17.24 -32.27
N LYS A 56 20.02 16.11 -32.44
CA LYS A 56 20.81 15.92 -33.66
C LYS A 56 19.90 15.38 -34.75
N GLU A 57 19.99 16.02 -35.91
CA GLU A 57 19.18 15.66 -37.07
C GLU A 57 19.26 14.19 -37.46
N ALA A 58 20.46 13.63 -37.49
CA ALA A 58 20.64 12.22 -37.86
C ALA A 58 19.93 11.25 -36.93
N HIS A 59 19.82 11.60 -35.65
CA HIS A 59 19.14 10.74 -34.67
C HIS A 59 17.63 10.73 -34.93
N LYS A 60 17.08 11.91 -35.16
CA LYS A 60 15.66 12.08 -35.44
C LYS A 60 15.30 11.42 -36.77
N ALA A 61 16.20 11.50 -37.74
CA ALA A 61 15.98 10.93 -39.06
C ALA A 61 15.70 9.44 -38.99
N LEU A 62 16.41 8.73 -38.10
CA LEU A 62 16.17 7.30 -37.94
C LEU A 62 14.69 7.11 -37.60
N GLY A 63 14.20 7.93 -36.67
CA GLY A 63 12.81 7.84 -36.26
C GLY A 63 11.79 8.06 -37.37
N ASN A 64 11.99 9.11 -38.16
CA ASN A 64 11.08 9.41 -39.26
C ASN A 64 11.19 8.33 -40.34
N ASP A 65 12.40 7.88 -40.64
CA ASP A 65 12.59 6.83 -41.64
C ASP A 65 11.83 5.57 -41.23
N LEU A 66 11.99 5.15 -39.98
CA LEU A 66 11.32 3.95 -39.51
C LEU A 66 9.81 4.11 -39.60
N ALA A 67 9.30 5.26 -39.18
CA ALA A 67 7.85 5.48 -39.26
C ALA A 67 7.36 5.39 -40.70
N GLN A 68 8.17 5.88 -41.65
CA GLN A 68 7.75 5.84 -43.05
C GLN A 68 7.78 4.40 -43.56
N VAL A 69 8.80 3.65 -43.15
CA VAL A 69 8.88 2.25 -43.54
C VAL A 69 7.63 1.52 -43.09
N LEU A 70 7.12 1.88 -41.91
CA LEU A 70 5.91 1.25 -41.40
C LEU A 70 4.64 1.79 -42.03
N GLY A 71 4.77 2.79 -42.92
CA GLY A 71 3.60 3.33 -43.58
C GLY A 71 2.98 4.59 -42.99
N TYR A 72 3.65 5.18 -41.99
CA TYR A 72 3.15 6.40 -41.38
C TYR A 72 3.83 7.59 -42.07
N ARG A 73 3.24 8.78 -41.91
CA ARG A 73 3.79 9.99 -42.51
C ARG A 73 5.18 10.32 -41.95
N ASP A 74 5.31 10.22 -40.62
CA ASP A 74 6.56 10.53 -39.93
C ASP A 74 6.48 10.03 -38.50
N LEU A 75 7.55 10.29 -37.74
CA LEU A 75 7.60 9.87 -36.34
C LEU A 75 6.40 10.37 -35.54
N ARG A 76 6.02 11.64 -35.74
CA ARG A 76 4.89 12.19 -35.01
C ARG A 76 3.60 11.41 -35.22
N GLU A 77 3.30 11.02 -36.45
CA GLU A 77 2.07 10.27 -36.68
C GLU A 77 2.14 8.90 -35.99
N LEU A 78 3.27 8.23 -36.09
CA LEU A 78 3.45 6.92 -35.45
C LEU A 78 3.30 7.06 -33.92
N ALA A 79 3.93 8.09 -33.36
CA ALA A 79 3.86 8.31 -31.91
C ALA A 79 2.42 8.51 -31.44
N GLU A 80 1.63 9.26 -32.21
CA GLU A 80 0.24 9.51 -31.85
C GLU A 80 -0.56 8.21 -31.93
N ALA A 81 -0.31 7.43 -32.99
CA ALA A 81 -1.00 6.16 -33.17
C ALA A 81 -0.71 5.25 -31.99
N ALA A 82 0.50 5.34 -31.45
CA ALA A 82 0.88 4.50 -30.31
C ALA A 82 0.14 4.95 -29.04
N ARG A 83 -0.02 6.26 -28.87
CA ARG A 83 -0.70 6.80 -27.70
C ARG A 83 -2.20 6.52 -27.71
N GLU A 84 -2.80 6.49 -28.89
CA GLU A 84 -4.24 6.26 -28.98
C GLU A 84 -4.62 4.78 -28.96
N ALA A 85 -3.68 3.91 -29.34
CA ALA A 85 -3.94 2.48 -29.39
C ALA A 85 -4.38 1.82 -28.09
N GLU A 86 -5.38 0.96 -28.19
CA GLU A 86 -5.85 0.22 -27.02
C GLU A 86 -4.77 -0.83 -26.80
N LEU A 87 -4.83 -1.54 -25.69
CA LEU A 87 -3.78 -2.51 -25.36
C LEU A 87 -3.27 -3.47 -26.43
N LEU A 88 -4.16 -4.24 -27.05
CA LEU A 88 -3.74 -5.19 -28.06
C LEU A 88 -3.08 -4.52 -29.24
N GLN A 89 -3.66 -3.41 -29.67
CA GLN A 89 -3.13 -2.69 -30.80
C GLN A 89 -1.75 -2.13 -30.44
N TYR A 90 -1.59 -1.72 -29.18
CA TYR A 90 -0.32 -1.16 -28.72
C TYR A 90 0.76 -2.23 -28.70
N LEU A 91 0.39 -3.44 -28.28
CA LEU A 91 1.35 -4.52 -28.22
C LEU A 91 1.71 -4.97 -29.63
N ARG A 92 0.73 -4.96 -30.52
CA ARG A 92 0.95 -5.34 -31.92
C ARG A 92 1.85 -4.30 -32.57
N LEU A 93 1.57 -3.02 -32.32
CA LEU A 93 2.38 -1.95 -32.90
C LEU A 93 3.80 -2.09 -32.39
N THR A 94 3.93 -2.44 -31.11
CA THR A 94 5.23 -2.62 -30.51
C THR A 94 6.02 -3.68 -31.30
N ARG A 95 5.38 -4.82 -31.58
CA ARG A 95 6.04 -5.90 -32.32
C ARG A 95 6.52 -5.45 -33.69
N GLU A 96 5.68 -4.70 -34.39
CA GLU A 96 5.98 -4.18 -35.71
C GLU A 96 7.14 -3.20 -35.71
N VAL A 97 7.10 -2.24 -34.81
CA VAL A 97 8.17 -1.25 -34.71
C VAL A 97 9.48 -1.96 -34.34
N LEU A 98 9.43 -2.90 -33.40
CA LEU A 98 10.63 -3.64 -33.00
C LEU A 98 11.20 -4.41 -34.19
N ALA A 99 10.34 -5.05 -34.99
CA ALA A 99 10.82 -5.80 -36.16
C ALA A 99 11.47 -4.87 -37.19
N ALA A 100 10.83 -3.74 -37.47
CA ALA A 100 11.37 -2.77 -38.43
C ALA A 100 12.69 -2.21 -37.88
N ALA A 101 12.71 -1.90 -36.59
CA ALA A 101 13.91 -1.37 -35.94
C ALA A 101 15.08 -2.34 -36.07
N GLU A 102 14.84 -3.63 -35.83
CA GLU A 102 15.92 -4.61 -35.94
C GLU A 102 16.54 -4.60 -37.34
N TRP A 103 15.71 -4.39 -38.37
CA TRP A 103 16.24 -4.36 -39.73
C TRP A 103 17.12 -3.14 -39.93
N PHE A 104 16.70 -1.98 -39.42
CA PHE A 104 17.50 -0.78 -39.52
C PHE A 104 18.84 -1.04 -38.86
N LYS A 105 18.78 -1.69 -37.69
CA LYS A 105 19.98 -2.03 -36.93
C LYS A 105 20.92 -2.93 -37.74
N ARG A 106 20.36 -4.00 -38.28
CA ARG A 106 21.14 -4.95 -39.07
C ARG A 106 21.79 -4.32 -40.29
N PHE A 107 21.03 -3.53 -41.06
CA PHE A 107 21.61 -2.89 -42.23
C PHE A 107 22.57 -1.76 -41.87
N ALA A 108 22.39 -1.16 -40.70
CA ALA A 108 23.32 -0.10 -40.27
C ALA A 108 24.67 -0.74 -39.95
N GLN A 109 24.62 -1.93 -39.34
CA GLN A 109 25.84 -2.66 -38.98
C GLN A 109 26.61 -3.11 -40.21
N ALA A 110 25.89 -3.45 -41.26
CA ALA A 110 26.50 -3.91 -42.50
C ALA A 110 26.91 -2.81 -43.48
N LEU A 111 26.20 -1.68 -43.44
CA LEU A 111 26.43 -0.58 -44.38
C LEU A 111 27.12 0.68 -43.86
N ILE A 112 27.09 0.90 -42.55
CA ILE A 112 27.71 2.09 -41.98
C ILE A 112 28.82 1.69 -41.00
N GLU A 113 30.06 2.01 -41.35
CA GLU A 113 31.19 1.66 -40.48
C GLU A 113 31.23 2.52 -39.21
N MSE B 1 40.95 -6.69 -9.13
CA MSE B 1 39.78 -5.76 -8.98
C MSE B 1 39.54 -5.04 -10.28
O MSE B 1 38.61 -4.25 -10.42
CB MSE B 1 40.04 -4.76 -7.87
CG MSE B 1 38.86 -3.85 -7.62
SE MSE B 1 39.04 -2.75 -6.08
CE MSE B 1 39.66 -1.15 -6.92
N ARG B 2 40.41 -5.30 -11.24
CA ARG B 2 40.36 -4.70 -12.58
C ARG B 2 38.93 -4.36 -13.03
N THR B 3 38.11 -5.38 -13.21
CA THR B 3 36.71 -5.21 -13.66
C THR B 3 35.86 -4.23 -12.87
N ARG B 4 34.98 -3.50 -13.56
CA ARG B 4 34.10 -2.55 -12.89
C ARG B 4 33.15 -3.31 -11.97
N SER B 5 32.60 -4.41 -12.46
CA SER B 5 31.69 -5.22 -11.69
C SER B 5 32.43 -5.79 -10.47
N GLN B 6 33.70 -6.14 -10.67
CA GLN B 6 34.52 -6.72 -9.62
C GLN B 6 34.73 -5.72 -8.48
N VAL B 7 34.85 -4.44 -8.84
CA VAL B 7 35.01 -3.40 -7.83
C VAL B 7 33.76 -3.31 -6.97
N TRP B 8 32.59 -3.35 -7.62
CA TRP B 8 31.34 -3.30 -6.87
C TRP B 8 31.23 -4.53 -5.96
N ALA B 9 31.64 -5.68 -6.48
CA ALA B 9 31.59 -6.94 -5.73
C ALA B 9 32.42 -6.89 -4.46
N GLN B 10 33.65 -6.42 -4.57
CA GLN B 10 34.52 -6.33 -3.40
C GLN B 10 34.01 -5.34 -2.36
N LYS B 11 33.44 -4.23 -2.80
CA LYS B 11 32.92 -3.24 -1.86
C LYS B 11 31.64 -3.81 -1.22
N ALA B 12 30.87 -4.55 -2.02
CA ALA B 12 29.65 -5.17 -1.51
C ALA B 12 30.05 -6.22 -0.47
N TYR B 13 31.13 -6.95 -0.78
CA TYR B 13 31.67 -7.98 0.10
C TYR B 13 31.96 -7.39 1.49
N GLU B 14 32.61 -6.23 1.53
CA GLU B 14 32.93 -5.58 2.79
C GLU B 14 31.67 -5.22 3.57
N LYS B 15 30.65 -4.69 2.88
CA LYS B 15 29.39 -4.31 3.53
C LYS B 15 28.69 -5.53 4.13
N VAL B 16 28.59 -6.60 3.36
CA VAL B 16 27.92 -7.79 3.86
C VAL B 16 28.68 -8.33 5.07
N ARG B 17 30.00 -8.34 4.98
CA ARG B 17 30.86 -8.81 6.06
C ARG B 17 30.49 -8.09 7.35
N GLU B 18 30.34 -6.76 7.28
CA GLU B 18 29.99 -5.98 8.45
C GLU B 18 28.60 -6.37 8.97
N ALA B 19 27.63 -6.36 8.06
CA ALA B 19 26.24 -6.70 8.41
C ALA B 19 26.06 -8.07 9.03
N ALA B 20 26.87 -9.04 8.61
CA ALA B 20 26.77 -10.39 9.14
C ALA B 20 27.09 -10.44 10.63
N LYS B 21 27.86 -9.48 11.11
CA LYS B 21 28.25 -9.44 12.51
C LYS B 21 27.15 -8.96 13.46
N GLY B 22 26.40 -7.93 13.06
CA GLY B 22 25.37 -7.40 13.93
C GLY B 22 24.04 -8.13 13.92
N GLU B 23 23.16 -7.74 14.84
CA GLU B 23 21.83 -8.33 14.94
C GLU B 23 21.05 -7.82 13.74
N GLY B 24 20.13 -8.63 13.23
CA GLY B 24 19.37 -8.22 12.07
C GLY B 24 20.02 -8.70 10.80
N ARG B 25 21.07 -9.51 10.95
CA ARG B 25 21.79 -10.06 9.80
C ARG B 25 20.84 -10.87 8.92
N GLY B 26 19.86 -11.51 9.54
CA GLY B 26 18.89 -12.31 8.80
C GLY B 26 17.97 -11.45 7.94
N GLU B 27 17.52 -10.33 8.48
CA GLU B 27 16.63 -9.42 7.75
C GLU B 27 17.39 -8.76 6.60
N TYR B 28 18.66 -8.42 6.85
CA TYR B 28 19.52 -7.81 5.84
C TYR B 28 19.61 -8.79 4.66
N ARG B 29 19.94 -10.03 4.97
CA ARG B 29 20.06 -11.09 3.98
C ARG B 29 18.76 -11.29 3.21
N ASP B 30 17.63 -11.32 3.92
CA ASP B 30 16.33 -11.50 3.27
C ASP B 30 16.11 -10.44 2.18
N MSE B 31 16.49 -9.20 2.49
CA MSE B 31 16.35 -8.11 1.53
C MSE B 31 17.37 -8.20 0.42
O MSE B 31 17.07 -7.90 -0.73
CB MSE B 31 16.49 -6.76 2.23
CG MSE B 31 15.16 -6.12 2.54
SE MSE B 31 14.45 -5.12 1.05
CE MSE B 31 13.93 -6.52 -0.17
N ALA B 32 18.58 -8.61 0.76
CA ALA B 32 19.62 -8.74 -0.24
C ALA B 32 19.17 -9.77 -1.28
N LEU B 33 18.48 -10.82 -0.81
CA LEU B 33 18.00 -11.89 -1.69
C LEU B 33 16.87 -11.48 -2.65
N LYS B 34 16.06 -10.50 -2.25
CA LYS B 34 14.93 -10.08 -3.07
C LYS B 34 15.16 -8.87 -3.98
N LEU B 35 16.12 -8.02 -3.62
CA LEU B 35 16.35 -6.81 -4.41
C LEU B 35 16.57 -7.02 -5.91
N PRO B 36 17.34 -8.03 -6.31
CA PRO B 36 17.54 -8.21 -7.76
C PRO B 36 16.25 -8.41 -8.55
N VAL B 37 15.43 -9.36 -8.12
CA VAL B 37 14.19 -9.62 -8.84
C VAL B 37 13.28 -8.40 -8.79
N LEU B 38 13.33 -7.64 -7.70
CA LEU B 38 12.53 -6.43 -7.58
C LEU B 38 12.93 -5.45 -8.68
N VAL B 39 14.23 -5.23 -8.85
CA VAL B 39 14.72 -4.33 -9.86
C VAL B 39 14.39 -4.85 -11.27
N ARG B 40 14.62 -6.13 -11.51
CA ARG B 40 14.33 -6.73 -12.82
C ARG B 40 12.85 -6.69 -13.23
N GLN B 41 11.97 -7.13 -12.32
CA GLN B 41 10.54 -7.19 -12.60
C GLN B 41 9.75 -5.90 -12.38
N ALA B 42 10.06 -5.17 -11.32
CA ALA B 42 9.33 -3.93 -11.02
C ALA B 42 9.96 -2.62 -11.50
N GLY B 43 11.25 -2.65 -11.86
CA GLY B 43 11.90 -1.44 -12.31
C GLY B 43 12.69 -0.80 -11.16
N LEU B 44 13.70 0.00 -11.48
CA LEU B 44 14.53 0.64 -10.45
C LEU B 44 13.79 1.51 -9.46
N SER B 45 13.02 2.48 -9.98
CA SER B 45 12.28 3.41 -9.12
C SER B 45 11.40 2.69 -8.11
N GLN B 46 10.62 1.73 -8.57
CA GLN B 46 9.74 1.00 -7.66
C GLN B 46 10.55 0.17 -6.66
N ALA B 47 11.57 -0.52 -7.15
CA ALA B 47 12.40 -1.34 -6.27
C ALA B 47 12.99 -0.49 -5.14
N LEU B 48 13.54 0.68 -5.47
CA LEU B 48 14.13 1.55 -4.46
C LEU B 48 13.08 2.12 -3.51
N ALA B 49 11.90 2.44 -4.03
CA ALA B 49 10.84 2.99 -3.20
C ALA B 49 10.40 1.92 -2.21
N PHE B 50 10.38 0.66 -2.65
CA PHE B 50 9.99 -0.42 -1.76
C PHE B 50 10.98 -0.55 -0.61
N VAL B 51 12.26 -0.58 -0.95
CA VAL B 51 13.29 -0.71 0.08
C VAL B 51 13.28 0.47 1.04
N ASP B 52 13.11 1.67 0.50
CA ASP B 52 13.10 2.89 1.30
C ASP B 52 11.87 3.04 2.20
N SER B 53 10.82 2.27 1.91
CA SER B 53 9.60 2.34 2.72
C SER B 53 9.46 1.19 3.71
N ARG B 54 10.48 0.34 3.79
CA ARG B 54 10.43 -0.80 4.72
C ARG B 54 10.59 -0.32 6.16
N GLY B 55 9.87 -0.97 7.07
CA GLY B 55 9.93 -0.59 8.47
C GLY B 55 11.22 -0.96 9.17
N LYS B 56 11.71 -2.17 8.92
CA LYS B 56 12.93 -2.67 9.54
C LYS B 56 14.21 -1.96 9.11
N GLU B 57 14.99 -1.55 10.09
CA GLU B 57 16.26 -0.86 9.88
C GLU B 57 17.23 -1.74 9.08
N ALA B 58 17.16 -3.05 9.29
CA ALA B 58 18.02 -4.00 8.61
C ALA B 58 17.67 -4.10 7.13
N HIS B 59 16.40 -3.92 6.82
CA HIS B 59 15.96 -3.98 5.43
C HIS B 59 16.44 -2.75 4.68
N LYS B 60 16.36 -1.60 5.32
CA LYS B 60 16.78 -0.36 4.70
C LYS B 60 18.29 -0.21 4.64
N ALA B 61 19.01 -0.88 5.54
CA ALA B 61 20.46 -0.80 5.55
C ALA B 61 21.03 -1.39 4.27
N LEU B 62 20.41 -2.45 3.76
CA LEU B 62 20.86 -3.09 2.53
C LEU B 62 20.89 -2.05 1.42
N GLY B 63 19.79 -1.30 1.29
CA GLY B 63 19.71 -0.26 0.28
C GLY B 63 20.76 0.82 0.48
N ASN B 64 20.92 1.25 1.72
CA ASN B 64 21.91 2.27 2.04
C ASN B 64 23.31 1.80 1.66
N ASP B 65 23.63 0.54 1.97
CA ASP B 65 24.95 -0.02 1.64
C ASP B 65 25.17 -0.09 0.12
N LEU B 66 24.14 -0.47 -0.61
CA LEU B 66 24.26 -0.59 -2.06
C LEU B 66 24.48 0.79 -2.68
N ALA B 67 23.78 1.79 -2.17
CA ALA B 67 23.96 3.14 -2.69
C ALA B 67 25.42 3.59 -2.48
N GLN B 68 25.95 3.37 -1.28
CA GLN B 68 27.33 3.75 -0.99
C GLN B 68 28.31 3.00 -1.89
N VAL B 69 28.03 1.72 -2.16
CA VAL B 69 28.92 0.97 -3.03
C VAL B 69 28.95 1.64 -4.42
N LEU B 70 27.83 2.21 -4.83
CA LEU B 70 27.77 2.86 -6.14
C LEU B 70 28.21 4.34 -6.14
N GLY B 71 28.64 4.84 -5.00
CA GLY B 71 29.09 6.22 -4.93
C GLY B 71 28.11 7.25 -4.40
N TYR B 72 27.01 6.79 -3.85
CA TYR B 72 26.01 7.71 -3.29
C TYR B 72 26.12 7.70 -1.77
N ARG B 73 25.70 8.78 -1.14
CA ARG B 73 25.76 8.88 0.31
C ARG B 73 24.82 7.89 0.98
N ASP B 74 23.65 7.69 0.38
CA ASP B 74 22.65 6.79 0.93
C ASP B 74 21.54 6.48 -0.06
N LEU B 75 20.60 5.65 0.38
CA LEU B 75 19.48 5.26 -0.45
C LEU B 75 18.68 6.46 -0.95
N ARG B 76 18.44 7.43 -0.06
CA ARG B 76 17.68 8.62 -0.45
C ARG B 76 18.33 9.30 -1.64
N GLU B 77 19.63 9.47 -1.58
CA GLU B 77 20.36 10.11 -2.67
C GLU B 77 20.30 9.29 -3.97
N LEU B 78 20.46 7.98 -3.86
CA LEU B 78 20.41 7.12 -5.04
C LEU B 78 19.04 7.22 -5.70
N ALA B 79 17.99 7.19 -4.88
CA ALA B 79 16.62 7.28 -5.37
C ALA B 79 16.37 8.63 -6.07
N GLU B 80 17.03 9.68 -5.57
CA GLU B 80 16.89 11.00 -6.17
C GLU B 80 17.56 11.03 -7.53
N ALA B 81 18.70 10.36 -7.62
CA ALA B 81 19.44 10.30 -8.89
C ALA B 81 18.57 9.60 -9.93
N ALA B 82 17.86 8.56 -9.49
CA ALA B 82 17.02 7.80 -10.39
C ALA B 82 15.82 8.63 -10.90
N ARG B 83 15.26 9.46 -10.04
CA ARG B 83 14.11 10.25 -10.45
C ARG B 83 14.47 11.46 -11.31
N GLU B 84 15.73 11.90 -11.22
CA GLU B 84 16.18 13.04 -11.98
C GLU B 84 16.77 12.66 -13.33
N ALA B 85 17.16 11.40 -13.48
CA ALA B 85 17.79 10.91 -14.70
C ALA B 85 16.96 10.94 -15.96
N GLU B 86 17.62 11.19 -17.09
CA GLU B 86 16.95 11.14 -18.38
C GLU B 86 16.92 9.65 -18.68
N LEU B 87 16.25 9.23 -19.74
CA LEU B 87 16.12 7.81 -20.04
C LEU B 87 17.38 6.95 -20.10
N LEU B 88 18.36 7.34 -20.91
CA LEU B 88 19.57 6.54 -21.03
C LEU B 88 20.32 6.44 -19.71
N GLN B 89 20.30 7.54 -18.95
CA GLN B 89 20.97 7.57 -17.66
C GLN B 89 20.21 6.69 -16.66
N TYR B 90 18.88 6.62 -16.79
CA TYR B 90 18.04 5.79 -15.91
C TYR B 90 18.28 4.32 -16.19
N LEU B 91 18.39 3.96 -17.46
CA LEU B 91 18.60 2.56 -17.82
C LEU B 91 19.98 2.11 -17.37
N ARG B 92 20.94 3.04 -17.43
CA ARG B 92 22.30 2.72 -17.01
C ARG B 92 22.35 2.48 -15.49
N LEU B 93 21.70 3.36 -14.74
CA LEU B 93 21.66 3.24 -13.29
C LEU B 93 20.96 1.93 -12.93
N THR B 94 19.98 1.55 -13.73
CA THR B 94 19.25 0.30 -13.51
C THR B 94 20.20 -0.88 -13.62
N ARG B 95 21.01 -0.93 -14.69
CA ARG B 95 21.96 -2.02 -14.87
C ARG B 95 22.97 -2.03 -13.71
N GLU B 96 23.40 -0.83 -13.34
CA GLU B 96 24.38 -0.63 -12.26
C GLU B 96 23.86 -1.18 -10.93
N VAL B 97 22.66 -0.77 -10.56
CA VAL B 97 22.05 -1.21 -9.32
C VAL B 97 21.78 -2.71 -9.34
N LEU B 98 21.34 -3.24 -10.47
CA LEU B 98 21.06 -4.67 -10.59
C LEU B 98 22.36 -5.47 -10.37
N ALA B 99 23.44 -5.06 -11.04
CA ALA B 99 24.73 -5.73 -10.90
C ALA B 99 25.19 -5.73 -9.44
N ALA B 100 25.13 -4.56 -8.81
CA ALA B 100 25.53 -4.44 -7.41
C ALA B 100 24.63 -5.30 -6.50
N ALA B 101 23.32 -5.30 -6.77
CA ALA B 101 22.38 -6.07 -5.96
C ALA B 101 22.68 -7.57 -6.03
N GLU B 102 23.08 -8.04 -7.21
CA GLU B 102 23.41 -9.44 -7.36
C GLU B 102 24.61 -9.81 -6.49
N TRP B 103 25.57 -8.89 -6.38
CA TRP B 103 26.74 -9.15 -5.56
C TRP B 103 26.37 -9.22 -4.07
N PHE B 104 25.45 -8.36 -3.65
CA PHE B 104 24.99 -8.33 -2.27
C PHE B 104 24.27 -9.63 -1.93
N LYS B 105 23.47 -10.10 -2.88
CA LYS B 105 22.72 -11.35 -2.69
C LYS B 105 23.70 -12.52 -2.53
N ARG B 106 24.64 -12.63 -3.46
CA ARG B 106 25.62 -13.70 -3.45
C ARG B 106 26.44 -13.72 -2.15
N PHE B 107 26.97 -12.58 -1.73
CA PHE B 107 27.76 -12.54 -0.52
C PHE B 107 26.93 -12.73 0.75
N ALA B 108 25.68 -12.32 0.72
CA ALA B 108 24.80 -12.50 1.87
C ALA B 108 24.59 -14.01 2.05
N GLN B 109 24.39 -14.70 0.93
CA GLN B 109 24.17 -16.14 0.92
C GLN B 109 25.36 -16.90 1.49
N ALA B 110 26.55 -16.39 1.21
CA ALA B 110 27.77 -17.03 1.67
C ALA B 110 28.23 -16.61 3.07
N LEU B 111 27.85 -15.42 3.51
CA LEU B 111 28.31 -14.93 4.79
C LEU B 111 27.31 -14.86 5.94
N ILE B 112 26.02 -14.83 5.63
CA ILE B 112 25.01 -14.72 6.68
C ILE B 112 24.20 -15.98 6.87
N ARG C 4 0.31 -28.65 -6.85
CA ARG C 4 -0.42 -27.39 -7.18
C ARG C 4 -0.59 -27.29 -8.70
N SER C 5 0.52 -27.39 -9.43
CA SER C 5 0.45 -27.31 -10.89
C SER C 5 -0.56 -28.35 -11.38
N GLN C 6 -0.60 -29.49 -10.69
CA GLN C 6 -1.53 -30.54 -11.05
C GLN C 6 -2.96 -30.10 -10.70
N VAL C 7 -3.11 -29.39 -9.58
CA VAL C 7 -4.43 -28.91 -9.20
C VAL C 7 -4.83 -27.87 -10.25
N TRP C 8 -3.87 -27.05 -10.67
CA TRP C 8 -4.15 -26.04 -11.69
C TRP C 8 -4.46 -26.73 -13.01
N ALA C 9 -3.67 -27.75 -13.34
CA ALA C 9 -3.86 -28.50 -14.57
C ALA C 9 -5.27 -29.07 -14.57
N GLN C 10 -5.63 -29.72 -13.47
CA GLN C 10 -6.94 -30.34 -13.37
C GLN C 10 -8.08 -29.33 -13.46
N LYS C 11 -8.01 -28.27 -12.65
CA LYS C 11 -9.05 -27.24 -12.65
C LYS C 11 -9.19 -26.55 -13.99
N ALA C 12 -8.07 -26.18 -14.60
CA ALA C 12 -8.10 -25.51 -15.89
C ALA C 12 -8.72 -26.45 -16.90
N TYR C 13 -8.31 -27.71 -16.85
CA TYR C 13 -8.83 -28.72 -17.77
C TYR C 13 -10.35 -28.81 -17.60
N GLU C 14 -10.79 -28.82 -16.34
CA GLU C 14 -12.22 -28.91 -16.03
C GLU C 14 -12.97 -27.72 -16.63
N LYS C 15 -12.49 -26.51 -16.35
CA LYS C 15 -13.12 -25.31 -16.86
C LYS C 15 -13.14 -25.27 -18.39
N VAL C 16 -12.02 -25.60 -19.01
CA VAL C 16 -11.93 -25.59 -20.47
C VAL C 16 -12.86 -26.63 -21.11
N ARG C 17 -13.00 -27.79 -20.46
CA ARG C 17 -13.88 -28.83 -20.98
C ARG C 17 -15.30 -28.26 -20.98
N GLU C 18 -15.70 -27.68 -19.85
CA GLU C 18 -17.03 -27.10 -19.72
C GLU C 18 -17.25 -25.97 -20.72
N ALA C 19 -16.21 -25.18 -20.98
CA ALA C 19 -16.30 -24.07 -21.91
C ALA C 19 -16.39 -24.55 -23.37
N ALA C 20 -15.76 -25.67 -23.65
CA ALA C 20 -15.76 -26.23 -25.01
C ALA C 20 -17.12 -26.74 -25.47
N LYS C 21 -18.11 -26.70 -24.58
CA LYS C 21 -19.44 -27.17 -24.94
C LYS C 21 -20.40 -26.01 -25.15
N GLY C 22 -19.86 -24.79 -25.13
CA GLY C 22 -20.67 -23.60 -25.32
C GLY C 22 -20.45 -22.95 -26.67
N GLU C 23 -21.45 -22.23 -27.15
CA GLU C 23 -21.37 -21.56 -28.44
C GLU C 23 -20.22 -20.55 -28.50
N GLY C 24 -19.82 -20.04 -27.35
CA GLY C 24 -18.74 -19.06 -27.32
C GLY C 24 -17.38 -19.67 -27.04
N ARG C 25 -17.16 -20.90 -27.52
CA ARG C 25 -15.89 -21.59 -27.31
C ARG C 25 -14.72 -20.94 -28.03
N GLY C 26 -14.95 -20.55 -29.29
CA GLY C 26 -13.88 -19.93 -30.05
C GLY C 26 -13.37 -18.65 -29.42
N GLU C 27 -14.27 -17.88 -28.82
CA GLU C 27 -13.89 -16.62 -28.18
C GLU C 27 -13.15 -16.89 -26.87
N TYR C 28 -13.58 -17.92 -26.16
CA TYR C 28 -12.98 -18.30 -24.89
C TYR C 28 -11.55 -18.71 -25.21
N ARG C 29 -11.42 -19.51 -26.27
CA ARG C 29 -10.12 -19.99 -26.73
C ARG C 29 -9.21 -18.82 -27.08
N ASP C 30 -9.76 -17.84 -27.79
CA ASP C 30 -8.97 -16.67 -28.17
C ASP C 30 -8.40 -15.96 -26.94
N MSE C 31 -9.24 -15.75 -25.93
CA MSE C 31 -8.80 -15.08 -24.71
C MSE C 31 -7.80 -15.95 -23.95
O MSE C 31 -6.81 -15.45 -23.40
CB MSE C 31 -10.01 -14.78 -23.81
CG MSE C 31 -9.72 -13.83 -22.64
SE MSE C 31 -9.28 -12.01 -23.19
CE MSE C 31 -7.35 -12.09 -23.04
N ALA C 32 -8.05 -17.26 -23.92
CA ALA C 32 -7.16 -18.17 -23.21
C ALA C 32 -5.74 -18.16 -23.78
N LEU C 33 -5.61 -18.14 -25.11
CA LEU C 33 -4.30 -18.14 -25.74
C LEU C 33 -3.59 -16.80 -25.67
N LYS C 34 -4.35 -15.72 -25.52
CA LYS C 34 -3.79 -14.38 -25.48
C LYS C 34 -3.36 -13.88 -24.10
N LEU C 35 -4.08 -14.29 -23.05
CA LEU C 35 -3.77 -13.83 -21.71
C LEU C 35 -2.32 -13.96 -21.24
N PRO C 36 -1.67 -15.09 -21.51
CA PRO C 36 -0.28 -15.20 -21.06
C PRO C 36 0.64 -14.08 -21.54
N VAL C 37 0.61 -13.80 -22.84
CA VAL C 37 1.44 -12.74 -23.42
C VAL C 37 1.01 -11.38 -22.88
N LEU C 38 -0.29 -11.20 -22.61
CA LEU C 38 -0.77 -9.93 -22.06
C LEU C 38 -0.16 -9.71 -20.69
N VAL C 39 -0.20 -10.74 -19.84
CA VAL C 39 0.36 -10.64 -18.50
C VAL C 39 1.87 -10.38 -18.55
N ARG C 40 2.55 -11.04 -19.49
CA ARG C 40 4.00 -10.85 -19.60
C ARG C 40 4.40 -9.46 -20.09
N GLN C 41 3.73 -8.98 -21.14
CA GLN C 41 4.09 -7.69 -21.72
C GLN C 41 3.46 -6.44 -21.10
N ALA C 42 2.21 -6.53 -20.66
CA ALA C 42 1.56 -5.36 -20.08
C ALA C 42 1.51 -5.35 -18.56
N GLY C 43 1.92 -6.44 -17.92
CA GLY C 43 1.88 -6.50 -16.46
C GLY C 43 0.55 -7.07 -16.01
N LEU C 44 0.49 -7.63 -14.80
CA LEU C 44 -0.76 -8.24 -14.33
C LEU C 44 -2.00 -7.35 -14.30
N SER C 45 -1.94 -6.22 -13.61
CA SER C 45 -3.11 -5.35 -13.53
C SER C 45 -3.66 -4.87 -14.89
N GLN C 46 -2.78 -4.44 -15.79
CA GLN C 46 -3.26 -3.99 -17.11
C GLN C 46 -3.92 -5.15 -17.86
N ALA C 47 -3.34 -6.34 -17.73
CA ALA C 47 -3.89 -7.50 -18.41
C ALA C 47 -5.29 -7.86 -17.89
N LEU C 48 -5.45 -7.84 -16.57
CA LEU C 48 -6.74 -8.19 -15.98
C LEU C 48 -7.81 -7.14 -16.31
N ALA C 49 -7.40 -5.88 -16.42
CA ALA C 49 -8.35 -4.82 -16.75
C ALA C 49 -8.84 -5.04 -18.18
N PHE C 50 -7.94 -5.47 -19.06
CA PHE C 50 -8.30 -5.73 -20.45
C PHE C 50 -9.35 -6.83 -20.54
N VAL C 51 -9.19 -7.86 -19.73
CA VAL C 51 -10.13 -8.98 -19.71
C VAL C 51 -11.44 -8.55 -19.08
N ASP C 52 -11.34 -7.75 -18.02
CA ASP C 52 -12.51 -7.26 -17.30
C ASP C 52 -13.38 -6.32 -18.14
N SER C 53 -12.86 -5.86 -19.27
CA SER C 53 -13.59 -4.94 -20.14
C SER C 53 -13.85 -5.51 -21.53
N GLY C 55 -16.13 -7.21 -22.58
CA GLY C 55 -17.13 -7.03 -23.68
C GLY C 55 -17.95 -8.28 -23.90
N LYS C 56 -17.42 -9.19 -24.71
CA LYS C 56 -18.10 -10.44 -25.00
C LYS C 56 -18.04 -11.31 -23.74
N GLU C 57 -19.16 -11.95 -23.42
CA GLU C 57 -19.24 -12.80 -22.23
C GLU C 57 -18.15 -13.87 -22.19
N ALA C 58 -17.90 -14.51 -23.33
CA ALA C 58 -16.90 -15.57 -23.41
C ALA C 58 -15.51 -15.12 -22.95
N HIS C 59 -15.10 -13.92 -23.33
CA HIS C 59 -13.77 -13.43 -22.94
C HIS C 59 -13.62 -13.33 -21.43
N LYS C 60 -14.62 -12.74 -20.78
CA LYS C 60 -14.57 -12.58 -19.33
C LYS C 60 -14.78 -13.92 -18.64
N ALA C 61 -15.33 -14.89 -19.36
CA ALA C 61 -15.55 -16.23 -18.82
C ALA C 61 -14.19 -16.83 -18.49
N LEU C 62 -13.20 -16.57 -19.35
CA LEU C 62 -11.86 -17.08 -19.12
C LEU C 62 -11.30 -16.45 -17.85
N GLY C 63 -11.43 -15.12 -17.75
CA GLY C 63 -10.93 -14.42 -16.58
C GLY C 63 -11.54 -14.92 -15.30
N ASN C 64 -12.86 -15.14 -15.29
CA ASN C 64 -13.52 -15.65 -14.10
C ASN C 64 -13.07 -17.06 -13.77
N ASP C 65 -13.04 -17.95 -14.76
CA ASP C 65 -12.60 -19.32 -14.50
C ASP C 65 -11.21 -19.29 -13.88
N LEU C 66 -10.29 -18.55 -14.49
CA LEU C 66 -8.92 -18.46 -14.00
C LEU C 66 -8.87 -17.94 -12.57
N ALA C 67 -9.65 -16.89 -12.31
CA ALA C 67 -9.70 -16.29 -10.98
C ALA C 67 -10.13 -17.35 -9.95
N GLN C 68 -11.19 -18.09 -10.28
CA GLN C 68 -11.73 -19.14 -9.43
C GLN C 68 -10.67 -20.20 -9.13
N VAL C 69 -9.95 -20.62 -10.17
CA VAL C 69 -8.90 -21.60 -10.00
C VAL C 69 -7.92 -21.11 -8.96
N LEU C 70 -7.68 -19.80 -8.92
CA LEU C 70 -6.75 -19.24 -7.95
C LEU C 70 -7.38 -19.01 -6.59
N GLY C 71 -8.63 -19.45 -6.43
CA GLY C 71 -9.32 -19.29 -5.15
C GLY C 71 -9.99 -17.95 -4.90
N TYR C 72 -10.23 -17.19 -5.96
CA TYR C 72 -10.89 -15.89 -5.83
C TYR C 72 -12.32 -16.08 -6.29
N ARG C 73 -13.24 -15.30 -5.72
CA ARG C 73 -14.65 -15.43 -6.07
C ARG C 73 -14.98 -14.99 -7.50
N ASP C 74 -14.20 -14.06 -8.06
CA ASP C 74 -14.42 -13.58 -9.41
C ASP C 74 -13.22 -12.81 -9.97
N LEU C 75 -13.25 -12.47 -11.25
CA LEU C 75 -12.16 -11.74 -11.88
C LEU C 75 -11.87 -10.43 -11.12
N ARG C 76 -12.92 -9.69 -10.79
CA ARG C 76 -12.76 -8.43 -10.07
C ARG C 76 -12.00 -8.61 -8.75
N GLU C 77 -12.29 -9.67 -8.02
CA GLU C 77 -11.61 -9.91 -6.74
C GLU C 77 -10.11 -10.12 -6.96
N LEU C 78 -9.76 -10.84 -8.02
CA LEU C 78 -8.36 -11.08 -8.36
C LEU C 78 -7.76 -9.73 -8.76
N ALA C 79 -8.49 -8.96 -9.56
CA ALA C 79 -8.02 -7.64 -9.99
C ALA C 79 -7.82 -6.76 -8.76
N GLU C 80 -8.76 -6.85 -7.83
CA GLU C 80 -8.68 -6.09 -6.60
C GLU C 80 -7.46 -6.49 -5.78
N ALA C 81 -7.19 -7.80 -5.74
CA ALA C 81 -6.05 -8.32 -4.99
C ALA C 81 -4.72 -7.86 -5.58
N ALA C 82 -4.62 -7.83 -6.91
CA ALA C 82 -3.38 -7.42 -7.56
C ALA C 82 -3.10 -5.95 -7.29
N ARG C 83 -4.14 -5.12 -7.31
CA ARG C 83 -3.94 -3.70 -7.07
C ARG C 83 -3.64 -3.39 -5.59
N GLU C 84 -4.19 -4.20 -4.69
CA GLU C 84 -3.98 -3.98 -3.26
C GLU C 84 -2.65 -4.54 -2.76
N ALA C 85 -2.14 -5.55 -3.45
CA ALA C 85 -0.89 -6.20 -3.06
C ALA C 85 0.34 -5.31 -2.97
N GLU C 86 1.20 -5.59 -2.00
CA GLU C 86 2.45 -4.86 -1.88
C GLU C 86 3.32 -5.45 -2.99
N LEU C 87 4.38 -4.74 -3.37
CA LEU C 87 5.23 -5.17 -4.46
C LEU C 87 5.64 -6.64 -4.52
N LEU C 88 6.13 -7.20 -3.41
CA LEU C 88 6.53 -8.61 -3.41
C LEU C 88 5.37 -9.58 -3.67
N GLN C 89 4.23 -9.30 -3.07
CA GLN C 89 3.07 -10.15 -3.28
C GLN C 89 2.55 -9.97 -4.69
N TYR C 90 2.76 -8.78 -5.27
CA TYR C 90 2.29 -8.51 -6.63
C TYR C 90 3.06 -9.39 -7.60
N LEU C 91 4.38 -9.45 -7.42
CA LEU C 91 5.21 -10.27 -8.30
C LEU C 91 4.86 -11.76 -8.13
N ARG C 92 4.55 -12.16 -6.90
CA ARG C 92 4.18 -13.55 -6.63
C ARG C 92 2.87 -13.87 -7.34
N LEU C 93 1.92 -12.98 -7.21
CA LEU C 93 0.62 -13.16 -7.85
C LEU C 93 0.76 -13.23 -9.38
N THR C 94 1.67 -12.43 -9.92
CA THR C 94 1.91 -12.40 -11.37
C THR C 94 2.42 -13.78 -11.82
N ARG C 95 3.37 -14.31 -11.08
CA ARG C 95 3.97 -15.62 -11.35
C ARG C 95 2.89 -16.68 -11.30
N GLU C 96 2.04 -16.59 -10.28
CA GLU C 96 0.94 -17.51 -10.08
C GLU C 96 -0.07 -17.45 -11.23
N VAL C 97 -0.50 -16.23 -11.57
CA VAL C 97 -1.48 -16.06 -12.64
C VAL C 97 -0.88 -16.55 -13.96
N LEU C 98 0.39 -16.27 -14.17
CA LEU C 98 1.06 -16.68 -15.39
C LEU C 98 1.05 -18.20 -15.52
N ALA C 99 1.41 -18.89 -14.44
CA ALA C 99 1.44 -20.36 -14.46
C ALA C 99 0.06 -20.95 -14.72
N ALA C 100 -0.96 -20.46 -14.01
CA ALA C 100 -2.31 -20.96 -14.20
C ALA C 100 -2.84 -20.63 -15.59
N ALA C 101 -2.50 -19.46 -16.11
CA ALA C 101 -2.96 -19.05 -17.44
C ALA C 101 -2.38 -19.95 -18.54
N GLU C 102 -1.13 -20.42 -18.36
CA GLU C 102 -0.52 -21.30 -19.36
C GLU C 102 -1.33 -22.59 -19.49
N TRP C 103 -1.88 -23.07 -18.37
CA TRP C 103 -2.67 -24.30 -18.40
C TRP C 103 -3.96 -24.07 -19.18
N PHE C 104 -4.60 -22.94 -18.92
CA PHE C 104 -5.83 -22.61 -19.64
C PHE C 104 -5.48 -22.56 -21.12
N LYS C 105 -4.35 -21.93 -21.44
CA LYS C 105 -3.92 -21.83 -22.83
C LYS C 105 -3.71 -23.19 -23.49
N ARG C 106 -2.98 -24.07 -22.81
CA ARG C 106 -2.70 -25.39 -23.35
C ARG C 106 -3.94 -26.26 -23.56
N PHE C 107 -4.79 -26.36 -22.54
CA PHE C 107 -5.99 -27.17 -22.66
C PHE C 107 -7.01 -26.53 -23.62
N ALA C 108 -6.93 -25.23 -23.78
CA ALA C 108 -7.83 -24.55 -24.71
C ALA C 108 -7.41 -24.87 -26.14
N GLN C 109 -6.10 -24.93 -26.38
CA GLN C 109 -5.61 -25.22 -27.73
C GLN C 109 -5.75 -26.72 -28.06
N ALA C 110 -5.87 -27.55 -27.05
CA ALA C 110 -6.03 -28.98 -27.28
C ALA C 110 -7.48 -29.40 -27.36
N LEU C 111 -8.36 -28.75 -26.60
CA LEU C 111 -9.77 -29.13 -26.59
C LEU C 111 -10.70 -28.29 -27.47
N ILE C 112 -10.21 -27.19 -28.04
CA ILE C 112 -11.06 -26.36 -28.88
C ILE C 112 -10.50 -26.26 -30.31
N GLN D 6 -29.11 2.73 36.65
CA GLN D 6 -29.31 2.42 38.09
C GLN D 6 -28.99 0.96 38.39
N VAL D 7 -29.17 0.10 37.39
CA VAL D 7 -28.89 -1.32 37.55
C VAL D 7 -27.45 -1.56 38.00
N TRP D 8 -26.51 -0.97 37.27
CA TRP D 8 -25.10 -1.11 37.57
C TRP D 8 -24.65 -0.38 38.81
N ALA D 9 -25.23 0.79 39.06
CA ALA D 9 -24.86 1.58 40.24
C ALA D 9 -25.03 0.75 41.50
N GLN D 10 -26.20 0.12 41.63
CA GLN D 10 -26.50 -0.70 42.78
C GLN D 10 -25.51 -1.84 42.98
N LYS D 11 -25.34 -2.65 41.94
CA LYS D 11 -24.44 -3.81 41.98
C LYS D 11 -22.99 -3.42 42.19
N ALA D 12 -22.55 -2.37 41.51
CA ALA D 12 -21.17 -1.90 41.64
C ALA D 12 -20.93 -1.39 43.06
N TYR D 13 -21.88 -0.63 43.58
CA TYR D 13 -21.77 -0.09 44.92
C TYR D 13 -21.48 -1.18 45.96
N GLU D 14 -22.22 -2.29 45.88
CA GLU D 14 -22.03 -3.39 46.81
C GLU D 14 -20.66 -4.05 46.71
N LYS D 15 -20.19 -4.28 45.48
CA LYS D 15 -18.89 -4.90 45.27
C LYS D 15 -17.81 -4.07 45.93
N VAL D 16 -17.81 -2.78 45.62
CA VAL D 16 -16.83 -1.86 46.17
C VAL D 16 -16.90 -1.81 47.70
N ARG D 17 -18.11 -1.79 48.22
CA ARG D 17 -18.33 -1.74 49.66
C ARG D 17 -17.67 -2.96 50.30
N GLU D 18 -17.88 -4.12 49.70
CA GLU D 18 -17.30 -5.35 50.21
C GLU D 18 -15.79 -5.35 50.06
N ALA D 19 -15.30 -4.85 48.92
CA ALA D 19 -13.87 -4.80 48.65
C ALA D 19 -13.14 -3.86 49.61
N ALA D 20 -13.81 -2.78 50.01
CA ALA D 20 -13.22 -1.81 50.94
C ALA D 20 -13.04 -2.45 52.32
N LYS D 21 -13.56 -3.66 52.47
CA LYS D 21 -13.47 -4.39 53.73
C LYS D 21 -12.29 -5.36 53.73
N GLY D 22 -11.64 -5.49 52.57
CA GLY D 22 -10.50 -6.40 52.45
C GLY D 22 -9.16 -5.71 52.61
N GLU D 23 -8.11 -6.50 52.78
CA GLU D 23 -6.77 -5.94 52.96
C GLU D 23 -6.25 -5.30 51.67
N GLY D 24 -6.56 -5.92 50.54
CA GLY D 24 -6.10 -5.40 49.27
C GLY D 24 -6.93 -4.24 48.74
N ARG D 25 -7.47 -3.43 49.64
CA ARG D 25 -8.30 -2.29 49.26
C ARG D 25 -7.57 -1.36 48.27
N GLY D 26 -6.41 -0.88 48.68
CA GLY D 26 -5.64 0.03 47.82
C GLY D 26 -5.44 -0.44 46.40
N GLU D 27 -5.13 -1.72 46.23
CA GLU D 27 -4.90 -2.30 44.91
C GLU D 27 -6.18 -2.36 44.08
N TYR D 28 -7.27 -2.76 44.72
CA TYR D 28 -8.58 -2.86 44.07
C TYR D 28 -8.98 -1.48 43.53
N ARG D 29 -8.70 -0.45 44.32
CA ARG D 29 -9.01 0.93 43.96
C ARG D 29 -8.20 1.39 42.75
N ASP D 30 -6.90 1.13 42.76
CA ASP D 30 -6.04 1.52 41.65
C ASP D 30 -6.56 0.92 40.35
N MSE D 31 -6.94 -0.36 40.39
CA MSE D 31 -7.44 -1.06 39.22
C MSE D 31 -8.75 -0.45 38.74
O MSE D 31 -8.96 -0.25 37.54
CB MSE D 31 -7.66 -2.55 39.53
CG MSE D 31 -7.92 -3.41 38.31
SE MSE D 31 -6.39 -3.54 37.09
CE MSE D 31 -6.87 -2.11 35.88
N ALA D 32 -9.65 -0.18 39.68
CA ALA D 32 -10.94 0.41 39.36
C ALA D 32 -10.77 1.80 38.75
N LEU D 33 -9.82 2.57 39.25
CA LEU D 33 -9.61 3.91 38.73
C LEU D 33 -8.96 3.91 37.34
N LYS D 34 -8.22 2.86 37.04
CA LYS D 34 -7.49 2.75 35.78
C LYS D 34 -8.21 2.01 34.64
N LEU D 35 -9.11 1.08 34.99
CA LEU D 35 -9.80 0.29 33.98
C LEU D 35 -10.46 1.04 32.81
N PRO D 36 -11.26 2.08 33.11
CA PRO D 36 -11.93 2.84 32.05
C PRO D 36 -10.98 3.30 30.93
N VAL D 37 -9.90 3.98 31.31
CA VAL D 37 -8.94 4.47 30.30
C VAL D 37 -8.26 3.31 29.56
N LEU D 38 -7.98 2.22 30.25
CA LEU D 38 -7.35 1.08 29.60
C LEU D 38 -8.30 0.58 28.51
N VAL D 39 -9.58 0.44 28.86
CA VAL D 39 -10.57 -0.04 27.90
C VAL D 39 -10.71 0.92 26.72
N ARG D 40 -10.83 2.22 27.01
CA ARG D 40 -10.98 3.22 25.95
C ARG D 40 -9.74 3.32 25.06
N GLN D 41 -8.57 3.31 25.69
CA GLN D 41 -7.33 3.42 24.92
C GLN D 41 -6.80 2.16 24.25
N ALA D 42 -6.76 1.05 24.97
CA ALA D 42 -6.24 -0.19 24.41
C ALA D 42 -7.28 -1.17 23.85
N GLY D 43 -8.56 -0.87 24.04
CA GLY D 43 -9.59 -1.77 23.54
C GLY D 43 -10.00 -2.74 24.64
N LEU D 44 -11.20 -3.29 24.53
CA LEU D 44 -11.73 -4.21 25.54
C LEU D 44 -10.90 -5.46 25.81
N SER D 45 -10.64 -6.25 24.78
CA SER D 45 -9.87 -7.47 24.96
C SER D 45 -8.51 -7.21 25.60
N GLN D 46 -7.77 -6.22 25.12
CA GLN D 46 -6.47 -5.92 25.69
C GLN D 46 -6.56 -5.53 27.17
N ALA D 47 -7.56 -4.72 27.50
CA ALA D 47 -7.72 -4.30 28.89
C ALA D 47 -8.02 -5.50 29.78
N LEU D 48 -8.86 -6.40 29.30
CA LEU D 48 -9.23 -7.57 30.08
C LEU D 48 -8.05 -8.50 30.26
N ALA D 49 -7.23 -8.63 29.20
CA ALA D 49 -6.06 -9.48 29.26
C ALA D 49 -5.08 -8.87 30.26
N PHE D 50 -5.11 -7.54 30.39
CA PHE D 50 -4.23 -6.88 31.33
C PHE D 50 -4.65 -7.21 32.76
N VAL D 51 -5.93 -7.05 33.06
CA VAL D 51 -6.45 -7.34 34.39
C VAL D 51 -6.23 -8.81 34.72
N ASP D 52 -6.36 -9.65 33.71
CA ASP D 52 -6.20 -11.09 33.88
C ASP D 52 -4.73 -11.46 34.04
N SER D 53 -3.84 -10.55 33.66
CA SER D 53 -2.41 -10.78 33.76
C SER D 53 -1.89 -10.49 35.17
N ARG D 54 -2.64 -9.67 35.91
CA ARG D 54 -2.25 -9.36 37.28
C ARG D 54 -2.66 -10.55 38.13
N LYS D 56 -2.08 -8.51 40.75
CA LYS D 56 -2.28 -9.35 41.97
C LYS D 56 -3.74 -9.79 42.08
N GLU D 57 -4.02 -10.58 43.12
CA GLU D 57 -5.38 -11.09 43.33
C GLU D 57 -6.39 -9.96 43.54
N ALA D 58 -5.95 -8.88 44.20
CA ALA D 58 -6.82 -7.74 44.44
C ALA D 58 -7.10 -7.00 43.14
N HIS D 59 -6.24 -7.20 42.14
CA HIS D 59 -6.42 -6.56 40.84
C HIS D 59 -7.45 -7.34 40.04
N LYS D 60 -7.28 -8.67 40.01
CA LYS D 60 -8.18 -9.54 39.29
C LYS D 60 -9.57 -9.51 39.93
N ALA D 61 -9.62 -9.28 41.23
CA ALA D 61 -10.88 -9.21 41.95
C ALA D 61 -11.77 -8.13 41.32
N LEU D 62 -11.17 -6.99 41.02
CA LEU D 62 -11.92 -5.90 40.41
C LEU D 62 -12.55 -6.42 39.13
N GLY D 63 -11.77 -7.15 38.33
CA GLY D 63 -12.25 -7.70 37.08
C GLY D 63 -13.36 -8.72 37.22
N ASN D 64 -13.23 -9.63 38.18
CA ASN D 64 -14.26 -10.63 38.40
C ASN D 64 -15.55 -9.95 38.90
N ASP D 65 -15.39 -8.94 39.73
CA ASP D 65 -16.55 -8.20 40.26
C ASP D 65 -17.33 -7.53 39.13
N LEU D 66 -16.58 -6.91 38.21
CA LEU D 66 -17.16 -6.22 37.07
C LEU D 66 -17.91 -7.22 36.21
N ALA D 67 -17.24 -8.31 35.87
CA ALA D 67 -17.82 -9.35 35.04
C ALA D 67 -19.14 -9.84 35.62
N GLN D 68 -19.17 -10.03 36.93
CA GLN D 68 -20.38 -10.50 37.60
C GLN D 68 -21.49 -9.46 37.54
N VAL D 69 -21.14 -8.20 37.76
CA VAL D 69 -22.12 -7.13 37.70
C VAL D 69 -22.73 -7.12 36.31
N LEU D 70 -21.99 -7.61 35.34
CA LEU D 70 -22.46 -7.68 33.96
C LEU D 70 -23.17 -8.99 33.62
N GLY D 71 -23.26 -9.89 34.59
CA GLY D 71 -23.93 -11.15 34.35
C GLY D 71 -23.05 -12.33 33.96
N TYR D 72 -21.75 -12.22 34.22
CA TYR D 72 -20.82 -13.31 33.90
C TYR D 72 -20.29 -13.95 35.16
N ARG D 73 -19.81 -15.19 35.03
CA ARG D 73 -19.27 -15.94 36.15
C ARG D 73 -18.06 -15.23 36.75
N ASP D 74 -17.18 -14.76 35.88
CA ASP D 74 -15.95 -14.08 36.32
C ASP D 74 -15.25 -13.45 35.12
N LEU D 75 -14.15 -12.76 35.39
CA LEU D 75 -13.38 -12.10 34.34
C LEU D 75 -13.08 -13.01 33.15
N ARG D 76 -12.65 -14.24 33.43
CA ARG D 76 -12.33 -15.18 32.36
C ARG D 76 -13.50 -15.40 31.41
N GLU D 77 -14.71 -15.51 31.95
CA GLU D 77 -15.89 -15.72 31.11
C GLU D 77 -16.20 -14.47 30.29
N LEU D 78 -15.95 -13.30 30.89
CA LEU D 78 -16.19 -12.03 30.21
C LEU D 78 -15.25 -11.91 29.01
N ALA D 79 -13.96 -12.19 29.26
CA ALA D 79 -12.96 -12.10 28.20
C ALA D 79 -13.28 -13.04 27.03
N GLU D 80 -13.78 -14.23 27.34
CA GLU D 80 -14.11 -15.19 26.29
C GLU D 80 -15.25 -14.69 25.42
N ALA D 81 -16.24 -14.05 26.03
CA ALA D 81 -17.38 -13.51 25.29
C ALA D 81 -16.89 -12.40 24.37
N ALA D 82 -15.90 -11.64 24.86
CA ALA D 82 -15.33 -10.55 24.07
C ALA D 82 -14.60 -11.14 22.86
N ARG D 83 -13.81 -12.18 23.09
CA ARG D 83 -13.06 -12.83 22.02
C ARG D 83 -13.97 -13.33 20.90
N GLU D 84 -14.97 -14.12 21.28
CA GLU D 84 -15.91 -14.70 20.32
C GLU D 84 -16.84 -13.67 19.67
N ALA D 85 -17.20 -12.64 20.42
CA ALA D 85 -18.09 -11.60 19.93
C ALA D 85 -17.77 -11.08 18.54
N GLU D 86 -18.81 -10.94 17.72
CA GLU D 86 -18.67 -10.42 16.37
C GLU D 86 -18.46 -8.92 16.53
N LEU D 87 -18.19 -8.22 15.44
CA LEU D 87 -17.94 -6.79 15.51
C LEU D 87 -18.94 -5.99 16.34
N LEU D 88 -20.20 -6.02 15.94
CA LEU D 88 -21.24 -5.27 16.67
C LEU D 88 -21.32 -5.65 18.13
N GLN D 89 -21.29 -6.96 18.40
CA GLN D 89 -21.37 -7.45 19.78
C GLN D 89 -20.21 -6.89 20.59
N TYR D 90 -19.01 -6.98 20.02
CA TYR D 90 -17.80 -6.51 20.67
C TYR D 90 -17.94 -5.05 21.10
N LEU D 91 -18.40 -4.20 20.18
CA LEU D 91 -18.57 -2.78 20.48
C LEU D 91 -19.66 -2.56 21.53
N ARG D 92 -20.69 -3.41 21.53
CA ARG D 92 -21.77 -3.27 22.50
C ARG D 92 -21.27 -3.68 23.87
N LEU D 93 -20.55 -4.79 23.91
CA LEU D 93 -20.00 -5.28 25.17
C LEU D 93 -19.07 -4.22 25.73
N THR D 94 -18.29 -3.60 24.85
CA THR D 94 -17.35 -2.56 25.23
C THR D 94 -18.07 -1.39 25.90
N ARG D 95 -19.20 -0.99 25.35
CA ARG D 95 -19.96 0.12 25.93
C ARG D 95 -20.46 -0.26 27.32
N GLU D 96 -20.90 -1.51 27.45
CA GLU D 96 -21.42 -1.98 28.73
C GLU D 96 -20.35 -2.06 29.81
N VAL D 97 -19.19 -2.61 29.45
CA VAL D 97 -18.07 -2.72 30.37
C VAL D 97 -17.68 -1.33 30.85
N LEU D 98 -17.66 -0.38 29.93
CA LEU D 98 -17.28 0.99 30.24
C LEU D 98 -18.30 1.66 31.16
N ALA D 99 -19.58 1.47 30.88
CA ALA D 99 -20.61 2.09 31.71
C ALA D 99 -20.48 1.56 33.13
N ALA D 100 -20.36 0.22 33.25
CA ALA D 100 -20.23 -0.42 34.54
C ALA D 100 -18.92 -0.05 35.22
N ALA D 101 -17.84 0.00 34.44
CA ALA D 101 -16.54 0.33 35.01
C ALA D 101 -16.54 1.72 35.67
N GLU D 102 -17.31 2.64 35.09
CA GLU D 102 -17.37 3.99 35.64
C GLU D 102 -17.98 4.00 37.04
N TRP D 103 -19.00 3.16 37.26
CA TRP D 103 -19.60 3.13 38.59
C TRP D 103 -18.61 2.57 39.60
N PHE D 104 -17.82 1.59 39.17
CA PHE D 104 -16.81 0.99 40.04
C PHE D 104 -15.77 2.05 40.39
N LYS D 105 -15.35 2.81 39.38
CA LYS D 105 -14.38 3.87 39.56
C LYS D 105 -14.87 4.88 40.60
N ARG D 106 -16.07 5.41 40.37
CA ARG D 106 -16.66 6.40 41.26
C ARG D 106 -16.81 5.91 42.70
N PHE D 107 -17.43 4.76 42.91
CA PHE D 107 -17.59 4.27 44.27
C PHE D 107 -16.26 3.96 44.93
N ALA D 108 -15.31 3.44 44.16
CA ALA D 108 -13.99 3.13 44.69
C ALA D 108 -13.33 4.44 45.13
N GLN D 109 -13.60 5.51 44.40
CA GLN D 109 -13.06 6.83 44.71
C GLN D 109 -13.64 7.37 46.02
N ALA D 110 -14.93 7.17 46.20
CA ALA D 110 -15.61 7.66 47.39
C ALA D 110 -15.42 6.82 48.64
N LEU D 111 -15.50 5.50 48.49
CA LEU D 111 -15.41 4.59 49.61
C LEU D 111 -14.04 4.01 50.02
N ILE D 112 -13.01 4.23 49.21
CA ILE D 112 -11.70 3.68 49.55
C ILE D 112 -10.54 4.67 49.62
N GLU D 113 -9.65 4.43 50.58
CA GLU D 113 -8.45 5.23 50.79
C GLU D 113 -7.65 4.65 51.96
N ARG E 2 8.88 24.30 37.73
CA ARG E 2 9.14 23.67 36.41
C ARG E 2 8.63 22.23 36.38
N THR E 3 7.73 21.94 35.45
CA THR E 3 7.18 20.59 35.32
C THR E 3 7.75 19.93 34.07
N ARG E 4 7.67 18.61 34.01
CA ARG E 4 8.18 17.87 32.86
C ARG E 4 7.64 18.48 31.57
N SER E 5 6.37 18.89 31.59
CA SER E 5 5.75 19.49 30.42
C SER E 5 6.47 20.78 30.05
N GLN E 6 6.63 21.66 31.05
CA GLN E 6 7.33 22.93 30.81
C GLN E 6 8.75 22.62 30.37
N VAL E 7 9.31 21.56 30.93
CA VAL E 7 10.65 21.14 30.59
C VAL E 7 10.70 20.78 29.11
N TRP E 8 9.74 19.98 28.66
CA TRP E 8 9.69 19.58 27.27
C TRP E 8 9.46 20.81 26.39
N ALA E 9 8.62 21.73 26.86
CA ALA E 9 8.30 22.95 26.15
C ALA E 9 9.56 23.75 25.86
N GLN E 10 10.42 23.87 26.86
CA GLN E 10 11.66 24.63 26.69
C GLN E 10 12.56 23.90 25.68
N LYS E 11 12.67 22.59 25.82
CA LYS E 11 13.49 21.80 24.91
C LYS E 11 12.96 21.88 23.48
N ALA E 12 11.64 21.75 23.33
CA ALA E 12 11.02 21.83 22.01
C ALA E 12 11.28 23.21 21.42
N TYR E 13 11.15 24.22 22.27
CA TYR E 13 11.37 25.61 21.90
C TYR E 13 12.74 25.78 21.23
N GLU E 14 13.79 25.32 21.90
CA GLU E 14 15.15 25.43 21.38
C GLU E 14 15.27 24.65 20.06
N LYS E 15 14.74 23.43 20.05
CA LYS E 15 14.79 22.59 18.86
C LYS E 15 14.13 23.28 17.67
N VAL E 16 12.99 23.93 17.91
CA VAL E 16 12.28 24.61 16.84
C VAL E 16 12.99 25.89 16.39
N ARG E 17 13.61 26.59 17.34
CA ARG E 17 14.33 27.81 17.00
C ARG E 17 15.47 27.49 16.03
N GLU E 18 16.17 26.39 16.28
CA GLU E 18 17.27 25.99 15.41
C GLU E 18 16.77 25.54 14.05
N ALA E 19 15.66 24.82 14.04
CA ALA E 19 15.09 24.33 12.78
C ALA E 19 14.49 25.48 11.97
N ALA E 20 14.11 26.55 12.64
CA ALA E 20 13.51 27.71 11.97
C ALA E 20 14.52 28.36 11.04
N LYS E 21 15.77 28.43 11.47
CA LYS E 21 16.82 29.04 10.68
C LYS E 21 17.49 28.00 9.80
N GLY E 22 16.68 27.31 8.99
CA GLY E 22 17.19 26.28 8.10
C GLY E 22 16.28 26.07 6.89
N GLU E 23 16.84 25.56 5.81
CA GLU E 23 16.05 25.30 4.60
C GLU E 23 15.20 24.07 4.82
N GLY E 24 13.99 24.08 4.27
CA GLY E 24 13.10 22.94 4.43
C GLY E 24 12.31 23.02 5.72
N ARG E 25 12.41 24.16 6.39
CA ARG E 25 11.71 24.38 7.65
C ARG E 25 10.21 24.32 7.45
N GLY E 26 9.77 24.47 6.20
CA GLY E 26 8.35 24.43 5.92
C GLY E 26 7.81 23.01 6.07
N GLU E 27 8.58 22.04 5.63
CA GLU E 27 8.17 20.64 5.72
C GLU E 27 8.29 20.21 7.19
N TYR E 28 9.27 20.77 7.90
CA TYR E 28 9.49 20.47 9.30
C TYR E 28 8.22 20.92 10.04
N ARG E 29 7.76 22.13 9.72
CA ARG E 29 6.55 22.69 10.32
C ARG E 29 5.36 21.81 9.98
N ASP E 30 5.25 21.40 8.72
CA ASP E 30 4.15 20.55 8.30
C ASP E 30 4.05 19.31 9.19
N MSE E 31 5.18 18.65 9.44
CA MSE E 31 5.24 17.45 10.25
C MSE E 31 4.85 17.75 11.70
O MSE E 31 4.07 17.02 12.32
CB MSE E 31 6.64 16.85 10.21
CG MSE E 31 6.75 15.45 10.79
SE MSE E 31 5.72 14.15 9.81
CE MSE E 31 4.15 14.09 10.93
N ALA E 32 5.39 18.83 12.24
CA ALA E 32 5.09 19.26 13.60
C ALA E 32 3.60 19.50 13.78
N LEU E 33 2.96 20.06 12.76
CA LEU E 33 1.54 20.34 12.81
C LEU E 33 0.67 19.09 12.74
N LYS E 34 1.15 18.09 12.01
CA LYS E 34 0.40 16.86 11.79
C LYS E 34 0.65 15.71 12.77
N LEU E 35 1.82 15.66 13.38
CA LEU E 35 2.13 14.55 14.28
C LEU E 35 1.12 14.27 15.37
N PRO E 36 0.74 15.30 16.17
CA PRO E 36 -0.23 15.05 17.25
C PRO E 36 -1.48 14.29 16.75
N VAL E 37 -2.03 14.73 15.63
CA VAL E 37 -3.23 14.08 15.08
C VAL E 37 -2.94 12.63 14.69
N LEU E 38 -1.75 12.38 14.15
CA LEU E 38 -1.40 11.02 13.75
C LEU E 38 -1.34 10.10 14.96
N VAL E 39 -0.69 10.56 16.03
CA VAL E 39 -0.56 9.78 17.24
C VAL E 39 -1.92 9.45 17.88
N ARG E 40 -2.83 10.41 17.88
CA ARG E 40 -4.15 10.19 18.49
C ARG E 40 -5.03 9.27 17.63
N GLN E 41 -5.05 9.52 16.33
CA GLN E 41 -5.86 8.76 15.39
C GLN E 41 -5.30 7.40 14.95
N ALA E 42 -3.99 7.32 14.75
CA ALA E 42 -3.39 6.07 14.31
C ALA E 42 -2.72 5.25 15.41
N GLY E 43 -2.37 5.89 16.52
CA GLY E 43 -1.69 5.19 17.58
C GLY E 43 -0.22 5.60 17.54
N LEU E 44 0.46 5.47 18.67
CA LEU E 44 1.87 5.85 18.72
C LEU E 44 2.80 5.11 17.76
N SER E 45 2.81 3.78 17.82
CA SER E 45 3.69 3.03 16.94
C SER E 45 3.41 3.30 15.47
N GLN E 46 2.14 3.28 15.08
CA GLN E 46 1.78 3.51 13.69
C GLN E 46 2.19 4.89 13.18
N ALA E 47 2.11 5.90 14.04
CA ALA E 47 2.47 7.26 13.64
C ALA E 47 3.99 7.41 13.53
N LEU E 48 4.72 6.76 14.44
CA LEU E 48 6.17 6.85 14.43
C LEU E 48 6.72 6.07 13.23
N ALA E 49 6.09 4.94 12.91
CA ALA E 49 6.52 4.12 11.77
C ALA E 49 6.26 4.88 10.47
N PHE E 50 5.15 5.60 10.42
CA PHE E 50 4.80 6.39 9.25
C PHE E 50 5.84 7.47 9.01
N VAL E 51 6.25 8.13 10.09
CA VAL E 51 7.24 9.18 10.00
C VAL E 51 8.61 8.64 9.59
N ASP E 52 9.02 7.51 10.14
CA ASP E 52 10.31 6.93 9.83
C ASP E 52 10.37 6.30 8.45
N SER E 53 9.24 5.79 7.97
CA SER E 53 9.16 5.14 6.65
C SER E 53 8.81 6.12 5.53
N ARG E 54 7.57 6.60 5.55
CA ARG E 54 7.07 7.53 4.55
C ARG E 54 7.67 8.93 4.70
N GLY E 55 8.21 9.23 5.87
CA GLY E 55 8.79 10.54 6.12
C GLY E 55 9.86 10.98 5.14
N GLU E 57 12.55 13.60 5.36
CA GLU E 57 13.87 14.22 5.71
C GLU E 57 13.66 15.27 6.81
N ALA E 58 13.02 16.38 6.45
CA ALA E 58 12.74 17.43 7.41
C ALA E 58 11.71 16.85 8.37
N HIS E 59 10.95 15.87 7.88
CA HIS E 59 9.93 15.21 8.66
C HIS E 59 10.60 14.35 9.74
N LYS E 60 11.60 13.58 9.32
CA LYS E 60 12.33 12.72 10.24
C LYS E 60 13.07 13.57 11.26
N ALA E 61 13.55 14.75 10.83
CA ALA E 61 14.26 15.65 11.74
C ALA E 61 13.33 16.03 12.89
N LEU E 62 12.06 16.27 12.57
CA LEU E 62 11.11 16.60 13.63
C LEU E 62 11.08 15.42 14.58
N GLY E 63 10.95 14.23 14.00
CA GLY E 63 10.91 13.00 14.79
C GLY E 63 12.13 12.83 15.67
N ASN E 64 13.31 13.07 15.10
CA ASN E 64 14.54 12.93 15.88
C ASN E 64 14.61 13.95 17.00
N ASP E 65 14.19 15.18 16.72
CA ASP E 65 14.18 16.27 17.70
C ASP E 65 13.24 15.93 18.85
N LEU E 66 12.09 15.36 18.51
CA LEU E 66 11.09 14.98 19.50
C LEU E 66 11.65 13.89 20.43
N ALA E 67 12.22 12.86 19.82
CA ALA E 67 12.79 11.74 20.56
C ALA E 67 13.84 12.22 21.54
N GLN E 68 14.70 13.12 21.07
CA GLN E 68 15.77 13.66 21.90
C GLN E 68 15.22 14.44 23.08
N VAL E 69 14.16 15.21 22.85
CA VAL E 69 13.54 15.98 23.92
C VAL E 69 13.02 15.03 25.01
N LEU E 70 12.58 13.85 24.59
CA LEU E 70 12.06 12.87 25.54
C LEU E 70 13.16 11.97 26.10
N GLY E 71 14.41 12.32 25.80
CA GLY E 71 15.53 11.54 26.30
C GLY E 71 15.98 10.38 25.45
N TYR E 72 15.52 10.34 24.20
CA TYR E 72 15.91 9.28 23.29
C TYR E 72 16.95 9.79 22.29
N ARG E 73 17.70 8.87 21.69
CA ARG E 73 18.74 9.23 20.73
C ARG E 73 18.17 9.79 19.44
N ASP E 74 17.19 9.07 18.88
CA ASP E 74 16.55 9.48 17.64
C ASP E 74 15.21 8.78 17.48
N LEU E 75 14.50 9.13 16.42
CA LEU E 75 13.19 8.54 16.14
C LEU E 75 13.23 7.02 16.28
N ARG E 76 14.27 6.39 15.76
CA ARG E 76 14.40 4.93 15.83
C ARG E 76 14.38 4.41 17.26
N GLU E 77 15.16 5.04 18.14
CA GLU E 77 15.21 4.62 19.55
C GLU E 77 13.83 4.79 20.22
N LEU E 78 13.16 5.90 19.94
CA LEU E 78 11.84 6.15 20.52
C LEU E 78 10.87 5.12 19.99
N ALA E 79 10.92 4.86 18.69
CA ALA E 79 10.05 3.89 18.04
C ALA E 79 10.26 2.49 18.62
N GLU E 80 11.52 2.16 18.90
CA GLU E 80 11.86 0.86 19.47
C GLU E 80 11.22 0.75 20.86
N ALA E 81 11.38 1.79 21.66
CA ALA E 81 10.82 1.82 23.01
C ALA E 81 9.32 1.59 23.01
N ALA E 82 8.62 2.26 22.08
CA ALA E 82 7.17 2.14 22.00
C ALA E 82 6.68 0.75 21.60
N ARG E 83 7.32 0.15 20.61
CA ARG E 83 6.93 -1.17 20.15
C ARG E 83 7.05 -2.25 21.21
N GLU E 84 8.09 -2.15 22.04
CA GLU E 84 8.34 -3.15 23.08
C GLU E 84 7.73 -2.82 24.44
N ALA E 85 7.14 -1.63 24.57
CA ALA E 85 6.54 -1.23 25.83
C ALA E 85 5.31 -2.05 26.19
N GLU E 86 5.16 -2.36 27.48
CA GLU E 86 3.99 -3.10 27.96
C GLU E 86 2.84 -2.11 27.89
N LEU E 87 1.61 -2.59 28.12
CA LEU E 87 0.45 -1.72 28.03
C LEU E 87 0.56 -0.38 28.77
N LEU E 88 0.68 -0.41 30.09
CA LEU E 88 0.76 0.82 30.88
C LEU E 88 1.92 1.71 30.44
N GLN E 89 3.05 1.11 30.11
CA GLN E 89 4.20 1.87 29.66
C GLN E 89 3.87 2.56 28.32
N TYR E 90 3.22 1.82 27.43
CA TYR E 90 2.84 2.34 26.11
C TYR E 90 1.90 3.52 26.23
N LEU E 91 0.86 3.37 27.05
CA LEU E 91 -0.11 4.44 27.26
C LEU E 91 0.55 5.67 27.84
N ARG E 92 1.57 5.47 28.65
CA ARG E 92 2.30 6.56 29.28
C ARG E 92 3.19 7.26 28.24
N LEU E 93 3.90 6.46 27.45
CA LEU E 93 4.79 7.00 26.42
C LEU E 93 3.95 7.81 25.42
N THR E 94 2.80 7.25 25.04
CA THR E 94 1.89 7.91 24.10
C THR E 94 1.51 9.29 24.62
N ARG E 95 1.20 9.37 25.92
CA ARG E 95 0.83 10.63 26.55
C ARG E 95 1.99 11.63 26.60
N GLU E 96 3.21 11.13 26.83
CA GLU E 96 4.41 11.97 26.88
C GLU E 96 4.74 12.48 25.48
N VAL E 97 4.66 11.58 24.50
CA VAL E 97 4.95 11.94 23.12
C VAL E 97 3.92 12.98 22.68
N LEU E 98 2.67 12.75 23.03
CA LEU E 98 1.59 13.67 22.66
C LEU E 98 1.87 15.05 23.24
N ALA E 99 2.17 15.12 24.54
CA ALA E 99 2.44 16.39 25.18
C ALA E 99 3.63 17.11 24.58
N ALA E 100 4.68 16.35 24.28
CA ALA E 100 5.88 16.93 23.69
C ALA E 100 5.57 17.41 22.28
N ALA E 101 4.87 16.57 21.53
CA ALA E 101 4.51 16.89 20.15
C ALA E 101 3.70 18.19 20.06
N GLU E 102 2.82 18.42 21.04
CA GLU E 102 2.01 19.64 21.06
C GLU E 102 2.88 20.90 21.21
N TRP E 103 3.94 20.82 22.01
CA TRP E 103 4.81 21.99 22.18
C TRP E 103 5.58 22.26 20.89
N PHE E 104 5.92 21.20 20.17
CA PHE E 104 6.61 21.32 18.88
C PHE E 104 5.67 22.03 17.92
N LYS E 105 4.41 21.59 17.90
CA LYS E 105 3.41 22.18 17.03
C LYS E 105 3.19 23.65 17.34
N ARG E 106 3.10 23.98 18.63
CA ARG E 106 2.88 25.36 19.06
C ARG E 106 4.02 26.32 18.73
N PHE E 107 5.25 25.91 19.00
CA PHE E 107 6.39 26.78 18.71
C PHE E 107 6.64 26.86 17.21
N ALA E 108 6.38 25.75 16.51
CA ALA E 108 6.54 25.74 15.06
C ALA E 108 5.58 26.76 14.48
N GLN E 109 4.40 26.86 15.10
CA GLN E 109 3.37 27.81 14.66
C GLN E 109 3.83 29.23 14.93
N ALA E 110 4.51 29.43 16.05
CA ALA E 110 4.99 30.74 16.43
C ALA E 110 6.32 31.16 15.81
N LEU E 111 7.18 30.20 15.49
CA LEU E 111 8.50 30.52 14.95
C LEU E 111 8.79 30.19 13.48
N ILE E 112 7.88 29.50 12.79
CA ILE E 112 8.15 29.16 11.40
C ILE E 112 7.09 29.64 10.42
N GLU E 113 7.53 30.40 9.43
CA GLU E 113 6.67 30.95 8.38
C GLU E 113 6.03 32.23 8.88
N ARG F 2 -21.86 24.76 -4.80
CA ARG F 2 -22.28 24.12 -3.52
C ARG F 2 -21.07 23.69 -2.69
N THR F 3 -21.20 23.78 -1.38
CA THR F 3 -20.12 23.39 -0.47
C THR F 3 -20.09 21.87 -0.39
N ARG F 4 -19.09 21.34 0.31
CA ARG F 4 -18.95 19.90 0.45
C ARG F 4 -20.18 19.29 1.13
N SER F 5 -20.63 19.92 2.21
CA SER F 5 -21.80 19.45 2.95
C SER F 5 -23.06 19.44 2.10
N GLN F 6 -23.22 20.48 1.29
CA GLN F 6 -24.39 20.58 0.42
C GLN F 6 -24.50 19.42 -0.56
N VAL F 7 -23.39 19.11 -1.23
CA VAL F 7 -23.38 18.02 -2.19
C VAL F 7 -23.68 16.69 -1.50
N TRP F 8 -22.96 16.40 -0.42
CA TRP F 8 -23.18 15.15 0.32
C TRP F 8 -24.60 15.06 0.85
N ALA F 9 -25.10 16.17 1.38
CA ALA F 9 -26.45 16.19 1.93
C ALA F 9 -27.50 15.86 0.86
N GLN F 10 -27.41 16.54 -0.27
CA GLN F 10 -28.36 16.31 -1.36
C GLN F 10 -28.35 14.86 -1.85
N LYS F 11 -27.17 14.39 -2.21
CA LYS F 11 -27.01 13.02 -2.72
C LYS F 11 -27.45 11.97 -1.71
N ALA F 12 -27.03 12.13 -0.46
CA ALA F 12 -27.40 11.20 0.59
C ALA F 12 -28.91 11.19 0.74
N TYR F 13 -29.51 12.39 0.78
CA TYR F 13 -30.95 12.51 0.91
C TYR F 13 -31.64 11.77 -0.25
N GLU F 14 -31.08 11.94 -1.44
CA GLU F 14 -31.63 11.32 -2.65
C GLU F 14 -31.56 9.80 -2.56
N LYS F 15 -30.45 9.28 -2.05
CA LYS F 15 -30.27 7.83 -1.91
C LYS F 15 -31.20 7.26 -0.84
N VAL F 16 -31.33 7.98 0.28
CA VAL F 16 -32.18 7.51 1.37
C VAL F 16 -33.66 7.54 1.00
N ARG F 17 -34.09 8.62 0.35
CA ARG F 17 -35.48 8.75 -0.07
C ARG F 17 -35.85 7.51 -0.89
N GLU F 18 -35.01 7.18 -1.86
CA GLU F 18 -35.23 6.03 -2.72
C GLU F 18 -35.32 4.74 -1.91
N ALA F 19 -34.33 4.49 -1.05
CA ALA F 19 -34.29 3.30 -0.22
C ALA F 19 -35.52 3.23 0.67
N ALA F 20 -36.02 4.39 1.09
CA ALA F 20 -37.20 4.43 1.95
C ALA F 20 -38.43 3.86 1.25
N LYS F 21 -38.49 3.98 -0.08
CA LYS F 21 -39.61 3.49 -0.86
C LYS F 21 -39.49 2.01 -1.25
N GLY F 22 -38.46 1.33 -0.75
CA GLY F 22 -38.28 -0.06 -1.09
C GLY F 22 -38.29 -1.05 0.06
N GLU F 23 -38.40 -2.33 -0.26
CA GLU F 23 -38.41 -3.36 0.76
C GLU F 23 -37.00 -3.49 1.31
N GLY F 24 -36.91 -3.87 2.59
CA GLY F 24 -35.61 -3.99 3.22
C GLY F 24 -35.18 -2.66 3.81
N ARG F 25 -36.10 -1.70 3.77
CA ARG F 25 -35.85 -0.37 4.28
C ARG F 25 -35.49 -0.40 5.77
N GLY F 26 -36.02 -1.39 6.48
CA GLY F 26 -35.73 -1.49 7.90
C GLY F 26 -34.27 -1.82 8.17
N GLU F 27 -33.72 -2.69 7.35
CA GLU F 27 -32.33 -3.11 7.47
C GLU F 27 -31.38 -2.02 7.00
N TYR F 28 -31.81 -1.31 5.96
CA TYR F 28 -31.02 -0.23 5.40
C TYR F 28 -30.84 0.85 6.48
N ARG F 29 -31.93 1.15 7.19
CA ARG F 29 -31.90 2.14 8.26
C ARG F 29 -30.99 1.68 9.39
N ASP F 30 -31.10 0.41 9.79
CA ASP F 30 -30.26 -0.10 10.88
C ASP F 30 -28.79 0.14 10.56
N MSE F 31 -28.38 -0.19 9.33
CA MSE F 31 -26.99 -0.01 8.92
C MSE F 31 -26.59 1.46 8.91
O MSE F 31 -25.52 1.83 9.37
CB MSE F 31 -26.79 -0.60 7.53
CG MSE F 31 -25.33 -0.81 7.14
SE MSE F 31 -24.51 -2.21 8.20
CE MSE F 31 -23.35 -1.12 9.30
N ALA F 32 -27.47 2.31 8.38
CA ALA F 32 -27.19 3.74 8.29
C ALA F 32 -26.95 4.33 9.68
N LEU F 33 -27.76 3.93 10.65
CA LEU F 33 -27.62 4.45 11.99
C LEU F 33 -26.36 3.95 12.68
N LYS F 34 -25.89 2.75 12.31
CA LYS F 34 -24.71 2.19 12.98
C LYS F 34 -23.34 2.40 12.35
N LEU F 35 -23.30 2.70 11.05
CA LEU F 35 -22.02 2.87 10.37
C LEU F 35 -21.06 3.91 10.96
N PRO F 36 -21.57 5.13 11.28
CA PRO F 36 -20.65 6.13 11.85
C PRO F 36 -19.90 5.65 13.10
N VAL F 37 -20.61 5.07 14.06
CA VAL F 37 -19.94 4.60 15.27
C VAL F 37 -19.02 3.42 14.96
N LEU F 38 -19.38 2.59 13.99
CA LEU F 38 -18.53 1.46 13.62
C LEU F 38 -17.21 1.99 13.09
N VAL F 39 -17.29 2.99 12.21
CA VAL F 39 -16.10 3.60 11.62
C VAL F 39 -15.23 4.24 12.69
N ARG F 40 -15.86 5.04 13.56
CA ARG F 40 -15.16 5.74 14.63
C ARG F 40 -14.43 4.81 15.59
N GLN F 41 -15.15 3.81 16.08
CA GLN F 41 -14.59 2.88 17.06
C GLN F 41 -13.81 1.69 16.50
N ALA F 42 -14.21 1.16 15.34
CA ALA F 42 -13.50 0.01 14.79
C ALA F 42 -12.49 0.38 13.71
N GLY F 43 -12.67 1.54 13.09
CA GLY F 43 -11.77 1.96 12.01
C GLY F 43 -12.47 1.77 10.68
N LEU F 44 -12.15 2.63 9.71
CA LEU F 44 -12.76 2.56 8.39
C LEU F 44 -12.72 1.18 7.74
N SER F 45 -11.51 0.65 7.53
CA SER F 45 -11.38 -0.66 6.89
C SER F 45 -12.18 -1.76 7.57
N GLN F 46 -12.13 -1.81 8.90
CA GLN F 46 -12.86 -2.84 9.64
C GLN F 46 -14.37 -2.64 9.50
N ALA F 47 -14.82 -1.39 9.57
CA ALA F 47 -16.24 -1.10 9.45
C ALA F 47 -16.74 -1.49 8.06
N LEU F 48 -15.95 -1.18 7.03
CA LEU F 48 -16.34 -1.49 5.66
C LEU F 48 -16.37 -3.00 5.40
N ALA F 49 -15.46 -3.72 6.05
CA ALA F 49 -15.42 -5.17 5.89
C ALA F 49 -16.66 -5.77 6.55
N PHE F 50 -17.13 -5.15 7.64
CA PHE F 50 -18.32 -5.63 8.33
C PHE F 50 -19.54 -5.45 7.44
N VAL F 51 -19.62 -4.28 6.82
CA VAL F 51 -20.73 -3.95 5.92
C VAL F 51 -20.68 -4.79 4.64
N ASP F 52 -19.52 -4.83 4.00
CA ASP F 52 -19.35 -5.59 2.75
C ASP F 52 -19.51 -7.08 2.96
N SER F 53 -19.34 -7.53 4.20
CA SER F 53 -19.48 -8.94 4.54
C SER F 53 -20.76 -9.10 5.36
N ARG F 54 -21.88 -8.68 4.77
CA ARG F 54 -23.16 -8.77 5.45
C ARG F 54 -24.27 -9.11 4.47
N LYS F 56 -26.77 -8.09 5.19
CA LYS F 56 -27.57 -8.61 4.10
C LYS F 56 -27.53 -7.67 2.90
N GLU F 57 -28.34 -7.95 1.89
CA GLU F 57 -28.38 -7.10 0.70
C GLU F 57 -28.65 -5.64 1.05
N ALA F 58 -29.63 -5.41 1.92
CA ALA F 58 -29.99 -4.05 2.32
C ALA F 58 -28.80 -3.33 2.95
N HIS F 59 -28.03 -4.04 3.77
CA HIS F 59 -26.87 -3.44 4.40
C HIS F 59 -25.87 -3.01 3.32
N LYS F 60 -25.63 -3.89 2.36
CA LYS F 60 -24.70 -3.58 1.28
C LYS F 60 -25.21 -2.40 0.48
N ALA F 61 -26.53 -2.33 0.33
CA ALA F 61 -27.12 -1.23 -0.42
C ALA F 61 -26.68 0.10 0.22
N LEU F 62 -26.69 0.16 1.55
CA LEU F 62 -26.27 1.38 2.23
C LEU F 62 -24.82 1.68 1.90
N GLY F 63 -23.99 0.64 1.92
CA GLY F 63 -22.59 0.83 1.61
C GLY F 63 -22.38 1.37 0.21
N ASN F 64 -23.04 0.76 -0.77
CA ASN F 64 -22.91 1.20 -2.15
C ASN F 64 -23.35 2.64 -2.34
N ASP F 65 -24.50 2.99 -1.75
CA ASP F 65 -25.01 4.35 -1.87
C ASP F 65 -23.98 5.32 -1.32
N LEU F 66 -23.47 5.02 -0.13
CA LEU F 66 -22.46 5.87 0.50
C LEU F 66 -21.24 6.00 -0.41
N ALA F 67 -20.73 4.86 -0.87
CA ALA F 67 -19.56 4.85 -1.75
C ALA F 67 -19.81 5.73 -2.96
N GLN F 68 -21.00 5.65 -3.52
CA GLN F 68 -21.36 6.42 -4.69
C GLN F 68 -21.45 7.91 -4.39
N VAL F 69 -22.01 8.26 -3.23
CA VAL F 69 -22.10 9.67 -2.85
C VAL F 69 -20.69 10.24 -2.79
N LEU F 70 -19.73 9.42 -2.37
CA LEU F 70 -18.34 9.85 -2.26
C LEU F 70 -17.58 9.79 -3.59
N GLY F 71 -18.26 9.36 -4.65
CA GLY F 71 -17.63 9.31 -5.95
C GLY F 71 -17.06 7.97 -6.39
N TYR F 72 -17.29 6.92 -5.60
CA TYR F 72 -16.79 5.60 -5.94
C TYR F 72 -17.89 4.79 -6.62
N ARG F 73 -17.48 3.72 -7.32
CA ARG F 73 -18.43 2.88 -8.04
C ARG F 73 -19.36 2.13 -7.10
N ASP F 74 -18.81 1.63 -5.99
CA ASP F 74 -19.59 0.87 -5.01
C ASP F 74 -18.77 0.61 -3.76
N LEU F 75 -19.34 -0.15 -2.82
CA LEU F 75 -18.66 -0.47 -1.56
C LEU F 75 -17.32 -1.17 -1.76
N ARG F 76 -17.28 -2.12 -2.69
CA ARG F 76 -16.06 -2.84 -2.97
C ARG F 76 -14.95 -1.86 -3.35
N GLU F 77 -15.26 -0.92 -4.22
CA GLU F 77 -14.27 0.06 -4.64
C GLU F 77 -13.87 0.97 -3.48
N LEU F 78 -14.86 1.38 -2.68
CA LEU F 78 -14.57 2.23 -1.52
C LEU F 78 -13.64 1.47 -0.56
N ALA F 79 -13.97 0.22 -0.29
CA ALA F 79 -13.15 -0.59 0.61
C ALA F 79 -11.73 -0.80 0.07
N GLU F 80 -11.62 -0.93 -1.26
CA GLU F 80 -10.31 -1.11 -1.87
C GLU F 80 -9.46 0.14 -1.65
N ALA F 81 -10.07 1.30 -1.92
CA ALA F 81 -9.39 2.58 -1.75
C ALA F 81 -8.85 2.77 -0.33
N ALA F 82 -9.63 2.34 0.66
CA ALA F 82 -9.22 2.46 2.06
C ALA F 82 -8.01 1.58 2.37
N ARG F 83 -8.04 0.34 1.86
CA ARG F 83 -6.96 -0.60 2.09
C ARG F 83 -5.68 -0.17 1.38
N GLU F 84 -5.81 0.43 0.20
CA GLU F 84 -4.66 0.87 -0.58
C GLU F 84 -4.09 2.22 -0.17
N ALA F 85 -4.81 2.96 0.66
CA ALA F 85 -4.36 4.28 1.08
C ALA F 85 -3.27 4.27 2.15
N GLU F 86 -2.33 5.20 2.02
CA GLU F 86 -1.26 5.36 3.00
C GLU F 86 -1.90 6.06 4.20
N LEU F 87 -1.18 6.14 5.32
CA LEU F 87 -1.73 6.73 6.53
C LEU F 87 -2.48 8.06 6.38
N LEU F 88 -1.85 9.08 5.80
CA LEU F 88 -2.52 10.37 5.68
C LEU F 88 -3.80 10.31 4.85
N GLN F 89 -3.74 9.64 3.70
CA GLN F 89 -4.92 9.53 2.84
C GLN F 89 -6.01 8.68 3.52
N TYR F 90 -5.59 7.71 4.32
CA TYR F 90 -6.52 6.85 5.04
C TYR F 90 -7.30 7.67 6.07
N LEU F 91 -6.60 8.51 6.82
CA LEU F 91 -7.26 9.33 7.82
C LEU F 91 -8.17 10.35 7.14
N ARG F 92 -7.74 10.91 6.02
CA ARG F 92 -8.56 11.87 5.30
C ARG F 92 -9.83 11.19 4.78
N LEU F 93 -9.66 10.01 4.18
CA LEU F 93 -10.80 9.25 3.66
C LEU F 93 -11.76 8.92 4.80
N THR F 94 -11.22 8.60 5.96
CA THR F 94 -12.04 8.27 7.12
C THR F 94 -12.95 9.44 7.51
N ARG F 95 -12.41 10.65 7.47
CA ARG F 95 -13.19 11.84 7.80
C ARG F 95 -14.29 12.06 6.76
N GLU F 96 -13.98 11.81 5.49
CA GLU F 96 -14.96 11.98 4.44
C GLU F 96 -16.08 10.96 4.60
N VAL F 97 -15.72 9.70 4.86
CA VAL F 97 -16.71 8.65 5.04
C VAL F 97 -17.59 8.99 6.25
N LEU F 98 -16.94 9.44 7.31
CA LEU F 98 -17.62 9.80 8.55
C LEU F 98 -18.61 10.95 8.33
N ALA F 99 -18.20 11.95 7.58
CA ALA F 99 -19.08 13.09 7.31
C ALA F 99 -20.24 12.63 6.42
N ALA F 100 -19.91 11.92 5.35
CA ALA F 100 -20.96 11.43 4.45
C ALA F 100 -21.89 10.46 5.17
N ALA F 101 -21.32 9.60 6.02
CA ALA F 101 -22.11 8.63 6.77
C ALA F 101 -23.10 9.29 7.71
N GLU F 102 -22.74 10.46 8.24
CA GLU F 102 -23.63 11.16 9.16
C GLU F 102 -24.89 11.61 8.44
N TRP F 103 -24.72 12.07 7.21
CA TRP F 103 -25.87 12.52 6.43
C TRP F 103 -26.84 11.35 6.19
N PHE F 104 -26.30 10.19 5.87
CA PHE F 104 -27.12 9.02 5.63
C PHE F 104 -27.84 8.67 6.92
N LYS F 105 -27.12 8.71 8.03
CA LYS F 105 -27.69 8.41 9.34
C LYS F 105 -28.89 9.30 9.65
N ARG F 106 -28.71 10.61 9.49
CA ARG F 106 -29.78 11.56 9.78
C ARG F 106 -31.00 11.42 8.86
N PHE F 107 -30.78 11.27 7.56
CA PHE F 107 -31.93 11.14 6.67
C PHE F 107 -32.64 9.80 6.81
N ALA F 108 -31.90 8.76 7.20
CA ALA F 108 -32.50 7.45 7.40
C ALA F 108 -33.37 7.53 8.65
N GLN F 109 -32.83 8.17 9.67
CA GLN F 109 -33.55 8.36 10.93
C GLN F 109 -34.87 9.10 10.65
N ALA F 110 -34.80 10.09 9.77
CA ALA F 110 -35.97 10.90 9.45
C ALA F 110 -36.96 10.30 8.45
N LEU F 111 -36.43 9.76 7.36
CA LEU F 111 -37.27 9.22 6.30
C LEU F 111 -37.71 7.77 6.37
N ILE F 112 -36.96 6.93 7.08
CA ILE F 112 -37.33 5.53 7.14
C ILE F 112 -38.00 5.19 8.46
N GLU F 113 -39.15 4.52 8.38
CA GLU F 113 -39.89 4.16 9.59
C GLU F 113 -39.31 2.88 10.20
S SO4 G . 21.10 14.30 -29.10
O1 SO4 G . 21.53 13.04 -28.46
O2 SO4 G . 20.67 14.05 -30.49
O3 SO4 G . 19.95 14.85 -28.35
O4 SO4 G . 22.22 15.25 -29.09
S SO4 H . 5.30 -6.96 -53.68
O1 SO4 H . 6.47 -6.19 -54.16
O2 SO4 H . 4.98 -8.03 -54.65
O3 SO4 H . 5.61 -7.57 -52.37
O4 SO4 H . 4.14 -6.06 -53.54
S SO4 I . 42.18 -1.34 -10.11
O1 SO4 I . 41.38 -2.55 -10.38
O2 SO4 I . 43.53 -1.75 -9.70
O3 SO4 I . 42.26 -0.53 -11.34
O4 SO4 I . 41.55 -0.54 -9.03
S SO4 J . 9.24 -4.45 6.98
O1 SO4 J . 9.13 -5.64 6.11
O2 SO4 J . 8.40 -3.36 6.44
O3 SO4 J . 8.78 -4.79 8.34
O4 SO4 J . 10.65 -4.01 7.05
S SO4 K . 33.14 -4.82 -16.70
O1 SO4 K . 32.52 -5.17 -15.40
O2 SO4 K . 33.78 -6.01 -17.31
O3 SO4 K . 32.09 -4.33 -17.62
O4 SO4 K . 34.16 -3.77 -16.48
S SO4 L . 3.84 -27.72 -8.21
O1 SO4 L . 2.91 -26.60 -8.45
O2 SO4 L . 4.43 -28.15 -9.49
O3 SO4 L . 4.91 -27.29 -7.29
O4 SO4 L . 3.09 -28.85 -7.61
S SO4 M . -41.74 11.87 -0.14
O1 SO4 M . -42.60 12.52 0.86
O2 SO4 M . -41.53 12.79 -1.28
O3 SO4 M . -40.43 11.53 0.46
O4 SO4 M . -42.38 10.63 -0.62
#